data_6O60
#
_entry.id   6O60
#
_cell.length_a   86.843
_cell.length_b   99.318
_cell.length_c   151.202
_cell.angle_alpha   90.00
_cell.angle_beta   90.00
_cell.angle_gamma   90.00
#
_symmetry.space_group_name_H-M   'P 21 21 21'
#
loop_
_entity.id
_entity.type
_entity.pdbx_description
1 polymer 'Protein prenyltransferase alpha subunit repeat-containing protein 1'
2 polymer 'Geranylgeranyl transferase type-2 subunit beta'
3 polymer 'F-box/LRR-repeat protein 2'
4 polymer 'S-phase kinase-associated protein 1'
5 non-polymer 'ZINC ION'
6 water water
#
loop_
_entity_poly.entity_id
_entity_poly.type
_entity_poly.pdbx_seq_one_letter_code
_entity_poly.pdbx_strand_id
1 'polypeptide(L)'
;SGSGGMAETSEEVAVLVQRVVKDITNAFRRNPHIDEIGLIPCPEARYNRSPIVLVENKLGVESWCVKFLLPYVHNKLLLY
RTRKQWLNRDELIDVTCTLLLLNPDFTTAWNVRKELILSGTLNPIKDLHLGKLALTKFPKSPETWIHRRWVLQQLIQETS
LPSFVTKGNLGTIPTERAQRLIQEEMEVCGEAAGRYPSNYNAWSHRIWVLQHLAKLDVKILLDELSSTKHWASMHVSDHS
GFHYRQFLLKSLISQTVIDSSVMEQNPLRSEPALVPPKDEEAAVSTEEPRINLPHLLEEEVEFSTDLIDSYPGHETLWCH
RRHIFYLQHHLNAGSQLSQAMEVDGLNDSSKQGYSQETKRLKRTPVPDSLGLEMEHRFIDQVLSTCRNVEQARFASAYRK
WLVTLSQ
;
A
2 'polypeptide(L)'
;SMGTPQKDVIIKSDAPDTLLLEKHADYIASYGSKKDDYEYCMSEYLRMSGIYWGLTVMDLMGQLHRMNREEILAFIKSCQ
HECGGISASIGHDPHLLYTLSAVQILTLYDSINVIDVNKVVEYVKGLQKEDGSFAGDIWGEIDTRFSFCAVATLALLGKL
DAINVEKAIEFVLSCMNFDGGFGCRPGSESHAGQIYCCTGFLAITSQLHQVNSDLLGWWLCERQLPSGGLNGRPEKLPDV
CYSWWVLASLKIIGRLHWIDREKLRNFILACQDEETGGFADRPGDMVDPFHTLFGIAGLSLLGEEQIKPVNPVFCMPEEV
LQRVNVQPELVS
;
B
3 'polypeptide(L)'
;SMVFSNNDEGLINKKLPKELLLRIFSFLDIVTLCRCAQISKAWNILALDGSNWQRIDLFNFQTDVEGRVVENISKRCGGF
LRKLSLRGCIGVGDSSLKTFAQNCRNIEHLNLNGCTKITDSTCYSLSRFCSKLKHLDLTSCVSITNSSLKGISEGCRNLE
YLNLSWCDQITKDGIEALVRGCRGLKALLLRGCTQLEDEALKHIQNYCHELVSLNLQSCSRITDEGVVQICRGCHRLQAL
CLSGCSNLTDASLTALGLNCPRLQILEAARCSHLTDAGFTLLARNCHELEKMDLEECILITDSTLIQLSIHCPKLQALSL
SHCELITDDGILHLSNSTCGHERLRVLELDNCLLITDVALEHLENCRGLERLELYDCQQVTRAGIKRMRAQLPHVKVHAY
FAPVTPPTAVAGSGQRLCRCCVIL
;
C
4 'polypeptide(L)'
;SMPSIKLQSSDGEIFEVDVEIAKQSVTIKTMLEDLGMDDEGDDDPVPLPNVNAAILKKVIQWCTHHKDDPPPPEDDENKE
KRTDDIPVWDQEFLKVDQGTLFELILAANYLDIKGLLDVTCKTVANMIKGKTPEEIRKTFNIKNDFTEEEEAQVRKENQW
CEEK
;
D
#
loop_
_chem_comp.id
_chem_comp.type
_chem_comp.name
_chem_comp.formula
ZN non-polymer 'ZINC ION' 'Zn 2'
#
# COMPACT_ATOMS: atom_id res chain seq x y z
N SER A 10 -14.82 11.61 -10.17
CA SER A 10 -14.87 10.56 -9.16
C SER A 10 -14.48 9.26 -9.84
N GLU A 11 -14.73 9.22 -11.15
CA GLU A 11 -14.24 8.21 -12.07
C GLU A 11 -13.33 8.78 -13.14
N GLU A 12 -13.49 10.07 -13.48
CA GLU A 12 -12.46 10.75 -14.25
C GLU A 12 -11.19 10.94 -13.42
N VAL A 13 -11.27 10.90 -12.09
CA VAL A 13 -10.06 11.12 -11.31
C VAL A 13 -9.20 9.87 -11.30
N ALA A 14 -9.85 8.70 -11.22
CA ALA A 14 -9.14 7.43 -11.29
C ALA A 14 -8.28 7.36 -12.53
N VAL A 15 -8.82 7.79 -13.68
CA VAL A 15 -8.04 7.82 -14.90
C VAL A 15 -6.86 8.76 -14.75
N LEU A 16 -7.12 9.93 -14.20
CA LEU A 16 -6.06 10.91 -14.01
C LEU A 16 -4.97 10.38 -13.08
N VAL A 17 -5.35 9.73 -11.99
CA VAL A 17 -4.31 9.26 -11.07
C VAL A 17 -3.46 8.19 -11.73
N GLN A 18 -4.10 7.26 -12.46
CA GLN A 18 -3.36 6.27 -13.23
C GLN A 18 -2.40 6.94 -14.20
N ARG A 19 -2.88 7.98 -14.87
CA ARG A 19 -2.04 8.73 -15.78
C ARG A 19 -0.83 9.30 -15.07
N VAL A 20 -1.03 9.87 -13.88
CA VAL A 20 0.07 10.51 -13.17
C VAL A 20 1.04 9.47 -12.65
N VAL A 21 0.53 8.33 -12.21
CA VAL A 21 1.42 7.21 -11.89
C VAL A 21 2.27 6.84 -13.10
N LYS A 22 1.64 6.68 -14.27
CA LYS A 22 2.39 6.40 -15.48
C LYS A 22 3.45 7.46 -15.74
N ASP A 23 3.12 8.74 -15.48
CA ASP A 23 4.05 9.83 -15.73
C ASP A 23 5.27 9.75 -14.82
N ILE A 24 5.07 9.31 -13.58
CA ILE A 24 6.21 9.16 -12.69
C ILE A 24 7.14 8.05 -13.19
N THR A 25 6.57 6.89 -13.52
CA THR A 25 7.40 5.80 -14.01
C THR A 25 8.15 6.23 -15.26
N ASN A 26 7.48 7.00 -16.12
CA ASN A 26 8.13 7.35 -17.36
C ASN A 26 9.18 8.41 -17.14
N ALA A 27 9.03 9.25 -16.11
CA ALA A 27 10.11 10.14 -15.73
C ALA A 27 11.41 9.36 -15.54
N PHE A 28 11.35 8.25 -14.80
CA PHE A 28 12.55 7.50 -14.49
C PHE A 28 13.13 6.80 -15.72
N ARG A 29 12.28 6.41 -16.68
CA ARG A 29 12.81 5.89 -17.93
C ARG A 29 13.56 6.98 -18.70
N ARG A 30 12.97 8.16 -18.81
CA ARG A 30 13.64 9.26 -19.48
C ARG A 30 14.97 9.63 -18.79
N ASN A 31 15.03 9.57 -17.46
CA ASN A 31 16.25 9.93 -16.74
C ASN A 31 16.40 9.03 -15.53
N PRO A 32 17.14 7.93 -15.65
CA PRO A 32 17.41 7.07 -14.48
C PRO A 32 18.43 7.66 -13.50
N HIS A 33 18.94 8.86 -13.76
CA HIS A 33 19.82 9.56 -12.85
C HIS A 33 19.09 10.64 -12.05
N ILE A 34 17.75 10.63 -12.06
CA ILE A 34 16.99 11.49 -11.15
C ILE A 34 17.53 11.27 -9.74
N ASP A 35 17.76 12.37 -9.01
CA ASP A 35 18.39 12.25 -7.71
C ASP A 35 17.68 13.05 -6.63
N GLU A 36 16.51 13.61 -6.93
CA GLU A 36 15.84 14.53 -6.00
C GLU A 36 14.39 14.70 -6.42
N ILE A 37 13.48 14.73 -5.44
CA ILE A 37 12.07 15.03 -5.65
C ILE A 37 11.64 16.15 -4.73
N GLY A 38 10.65 16.91 -5.18
CA GLY A 38 10.06 17.95 -4.36
C GLY A 38 8.66 18.24 -4.81
N LEU A 39 7.90 18.86 -3.92
CA LEU A 39 6.56 19.33 -4.21
C LEU A 39 6.66 20.70 -4.84
N ILE A 40 6.12 20.84 -6.03
CA ILE A 40 6.02 22.19 -6.68
C ILE A 40 4.70 22.79 -6.23
N PRO A 41 4.72 23.85 -5.42
CA PRO A 41 3.47 24.50 -5.05
C PRO A 41 2.80 25.05 -6.30
N CYS A 42 1.60 24.56 -6.55
CA CYS A 42 0.93 24.78 -7.82
C CYS A 42 -0.48 24.26 -7.58
N PRO A 43 -1.38 25.08 -7.04
CA PRO A 43 -2.72 24.54 -6.71
C PRO A 43 -3.69 24.43 -7.88
N GLU A 44 -3.38 24.98 -9.05
CA GLU A 44 -4.31 25.00 -10.18
C GLU A 44 -3.73 24.23 -11.37
N ALA A 45 -4.54 23.37 -11.97
CA ALA A 45 -4.19 22.73 -13.24
C ALA A 45 -4.63 23.66 -14.35
N ARG A 46 -3.68 24.42 -14.90
CA ARG A 46 -4.03 25.51 -15.81
C ARG A 46 -3.70 25.21 -17.27
N TYR A 47 -2.93 24.16 -17.54
CA TYR A 47 -2.62 23.80 -18.90
C TYR A 47 -2.61 22.27 -19.00
N ASN A 48 -2.67 21.76 -20.23
CA ASN A 48 -2.69 20.32 -20.46
C ASN A 48 -1.27 19.76 -20.51
N ARG A 49 -0.54 19.98 -19.42
CA ARG A 49 0.77 19.38 -19.22
C ARG A 49 0.67 18.49 -17.98
N SER A 50 1.55 17.51 -17.91
CA SER A 50 1.59 16.63 -16.75
C SER A 50 1.98 17.41 -15.50
N PRO A 51 1.41 17.08 -14.34
CA PRO A 51 1.92 17.65 -13.07
C PRO A 51 3.29 17.10 -12.69
N ILE A 52 3.81 16.14 -13.45
CA ILE A 52 5.15 15.59 -13.23
C ILE A 52 6.10 16.41 -14.08
N VAL A 53 6.93 17.21 -13.44
CA VAL A 53 7.84 18.09 -14.15
C VAL A 53 9.26 17.60 -13.93
N LEU A 54 9.91 17.22 -15.01
CA LEU A 54 11.30 16.80 -14.98
C LEU A 54 12.13 17.94 -15.55
N VAL A 55 12.98 18.52 -14.71
CA VAL A 55 14.01 19.42 -15.19
C VAL A 55 15.36 18.86 -14.73
N GLU A 56 16.21 18.52 -15.71
CA GLU A 56 17.52 17.92 -15.50
C GLU A 56 17.36 16.70 -14.60
N ASN A 57 18.03 16.69 -13.45
CA ASN A 57 17.99 15.56 -12.54
C ASN A 57 16.93 15.62 -11.45
N LYS A 58 16.13 16.69 -11.42
CA LYS A 58 15.16 16.88 -10.36
C LYS A 58 13.77 16.59 -10.90
N LEU A 59 12.96 15.93 -10.07
CA LEU A 59 11.61 15.52 -10.39
C LEU A 59 10.65 16.26 -9.48
N GLY A 60 9.93 17.24 -10.04
CA GLY A 60 8.97 18.01 -9.29
C GLY A 60 7.56 17.49 -9.50
N VAL A 61 6.76 17.58 -8.45
CA VAL A 61 5.37 17.13 -8.51
C VAL A 61 4.49 18.32 -8.19
N GLU A 62 3.63 18.68 -9.13
CA GLU A 62 2.77 19.84 -8.96
C GLU A 62 1.65 19.53 -7.96
N SER A 63 1.49 20.42 -6.98
CA SER A 63 0.70 20.10 -5.80
C SER A 63 -0.77 19.85 -6.09
N TRP A 64 -1.31 20.42 -7.17
CA TRP A 64 -2.75 20.32 -7.41
C TRP A 64 -3.23 18.89 -7.54
N CYS A 65 -2.36 17.95 -7.91
CA CYS A 65 -2.76 16.58 -8.17
C CYS A 65 -2.58 15.66 -6.97
N VAL A 66 -1.80 16.08 -5.97
CA VAL A 66 -1.44 15.22 -4.86
C VAL A 66 -2.66 14.84 -4.04
N LYS A 67 -3.62 15.76 -3.87
CA LYS A 67 -4.85 15.48 -3.14
C LYS A 67 -5.65 14.34 -3.77
N PHE A 68 -5.50 14.14 -5.08
CA PHE A 68 -6.14 13.00 -5.73
C PHE A 68 -5.27 11.77 -5.71
N LEU A 69 -3.97 11.98 -5.88
CA LEU A 69 -3.07 10.88 -6.20
C LEU A 69 -2.83 10.00 -4.97
N LEU A 70 -2.60 10.61 -3.80
CA LEU A 70 -2.28 9.81 -2.62
C LEU A 70 -3.48 9.01 -2.11
N PRO A 71 -4.69 9.56 -2.00
CA PRO A 71 -5.82 8.73 -1.54
C PRO A 71 -6.08 7.53 -2.44
N TYR A 72 -6.02 7.71 -3.75
CA TYR A 72 -6.24 6.61 -4.67
C TYR A 72 -5.15 5.56 -4.54
N VAL A 73 -3.89 5.96 -4.67
CA VAL A 73 -2.81 4.98 -4.60
C VAL A 73 -2.76 4.36 -3.21
N HIS A 74 -3.07 5.15 -2.17
CA HIS A 74 -3.17 4.63 -0.81
C HIS A 74 -4.22 3.52 -0.72
N ASN A 75 -5.40 3.75 -1.31
CA ASN A 75 -6.46 2.78 -1.17
C ASN A 75 -6.28 1.60 -2.11
N LYS A 76 -5.69 1.85 -3.29
CA LYS A 76 -5.35 0.74 -4.16
C LYS A 76 -4.48 -0.26 -3.42
N LEU A 77 -3.46 0.23 -2.72
CA LEU A 77 -2.58 -0.66 -1.96
C LEU A 77 -3.34 -1.39 -0.85
N LEU A 78 -4.31 -0.73 -0.22
CA LEU A 78 -5.02 -1.38 0.87
C LEU A 78 -6.01 -2.41 0.33
N LEU A 79 -6.63 -2.12 -0.82
CA LEU A 79 -7.57 -3.07 -1.40
C LEU A 79 -6.86 -4.35 -1.82
N TYR A 80 -5.63 -4.21 -2.31
CA TYR A 80 -4.75 -5.36 -2.57
C TYR A 80 -4.47 -6.12 -1.28
N ARG A 81 -3.93 -5.43 -0.28
CA ARG A 81 -3.56 -6.06 0.97
C ARG A 81 -4.75 -6.72 1.63
N THR A 82 -5.94 -6.17 1.41
CA THR A 82 -7.15 -6.64 2.05
C THR A 82 -7.90 -7.64 1.15
N ARG A 83 -7.30 -7.98 0.01
CA ARG A 83 -7.76 -9.05 -0.88
C ARG A 83 -9.08 -8.72 -1.57
N LYS A 84 -9.36 -7.43 -1.83
CA LYS A 84 -10.57 -7.02 -2.56
C LYS A 84 -10.31 -6.51 -3.98
N GLN A 85 -9.06 -6.19 -4.33
CA GLN A 85 -8.75 -5.80 -5.70
C GLN A 85 -7.33 -6.21 -5.99
N TRP A 86 -7.12 -6.91 -7.10
CA TRP A 86 -5.81 -7.47 -7.40
C TRP A 86 -4.95 -6.43 -8.12
N LEU A 87 -3.65 -6.46 -7.80
CA LEU A 87 -2.67 -5.76 -8.61
C LEU A 87 -1.60 -6.76 -9.04
N ASN A 88 -1.19 -6.66 -10.30
CA ASN A 88 -0.12 -7.50 -10.80
C ASN A 88 1.23 -6.91 -10.38
N ARG A 89 2.30 -7.57 -10.81
CA ARG A 89 3.65 -7.27 -10.34
C ARG A 89 4.05 -5.85 -10.70
N ASP A 90 3.81 -5.46 -11.96
CA ASP A 90 4.15 -4.13 -12.43
C ASP A 90 3.38 -3.04 -11.68
N GLU A 91 2.11 -3.30 -11.38
CA GLU A 91 1.30 -2.31 -10.70
C GLU A 91 1.69 -2.19 -9.24
N LEU A 92 1.90 -3.33 -8.58
CA LEU A 92 2.42 -3.33 -7.23
C LEU A 92 3.64 -2.43 -7.14
N ILE A 93 4.64 -2.70 -7.99
CA ILE A 93 5.89 -1.93 -7.98
C ILE A 93 5.60 -0.45 -8.22
N ASP A 94 4.74 -0.13 -9.18
CA ASP A 94 4.52 1.27 -9.52
C ASP A 94 3.59 1.96 -8.53
N VAL A 95 2.56 1.26 -8.04
CA VAL A 95 1.69 1.87 -7.03
C VAL A 95 2.47 2.16 -5.76
N THR A 96 3.31 1.21 -5.32
CA THR A 96 4.02 1.42 -4.07
C THR A 96 5.15 2.42 -4.24
N CYS A 97 5.75 2.46 -5.41
CA CYS A 97 6.73 3.50 -5.71
C CYS A 97 6.11 4.89 -5.53
N THR A 98 4.92 5.10 -6.09
CA THR A 98 4.27 6.39 -6.00
C THR A 98 3.87 6.71 -4.56
N LEU A 99 3.35 5.73 -3.82
CA LEU A 99 2.99 5.98 -2.43
C LEU A 99 4.20 6.41 -1.61
N LEU A 100 5.31 5.68 -1.74
CA LEU A 100 6.48 5.98 -0.92
C LEU A 100 7.11 7.29 -1.33
N LEU A 101 6.92 7.72 -2.57
CA LEU A 101 7.36 9.07 -2.93
C LEU A 101 6.55 10.15 -2.21
N LEU A 102 5.26 9.91 -1.96
CA LEU A 102 4.37 10.84 -1.30
C LEU A 102 4.35 10.71 0.23
N ASN A 103 4.59 9.52 0.76
CA ASN A 103 4.39 9.25 2.18
C ASN A 103 5.24 8.06 2.59
N PRO A 104 6.56 8.26 2.73
CA PRO A 104 7.46 7.13 2.99
C PRO A 104 7.35 6.53 4.38
N ASP A 105 6.51 7.03 5.25
CA ASP A 105 6.33 6.45 6.57
C ASP A 105 5.23 5.41 6.58
N PHE A 106 4.67 5.11 5.42
CA PHE A 106 3.64 4.10 5.20
C PHE A 106 4.29 2.72 5.17
N THR A 107 4.40 2.10 6.34
CA THR A 107 5.15 0.85 6.50
C THR A 107 4.57 -0.26 5.64
N THR A 108 3.24 -0.35 5.58
CA THR A 108 2.63 -1.41 4.80
C THR A 108 3.09 -1.36 3.34
N ALA A 109 3.27 -0.15 2.80
CA ALA A 109 3.80 0.00 1.44
C ALA A 109 5.21 -0.54 1.32
N TRP A 110 6.11 -0.17 2.24
CA TRP A 110 7.45 -0.78 2.25
C TRP A 110 7.38 -2.30 2.37
N ASN A 111 6.47 -2.81 3.20
CA ASN A 111 6.42 -4.25 3.47
C ASN A 111 6.04 -5.03 2.22
N VAL A 112 5.22 -4.45 1.35
CA VAL A 112 4.90 -5.08 0.08
C VAL A 112 6.15 -5.20 -0.79
N ARG A 113 7.06 -4.21 -0.74
CA ARG A 113 8.28 -4.29 -1.53
C ARG A 113 9.23 -5.34 -0.97
N LYS A 114 9.23 -5.52 0.35
CA LYS A 114 10.04 -6.58 0.95
C LYS A 114 9.64 -7.94 0.39
N GLU A 115 8.34 -8.18 0.29
CA GLU A 115 7.86 -9.44 -0.28
C GLU A 115 8.25 -9.55 -1.75
N LEU A 116 8.01 -8.49 -2.52
CA LEU A 116 8.47 -8.45 -3.92
C LEU A 116 9.96 -8.72 -4.02
N ILE A 117 10.74 -8.29 -3.05
CA ILE A 117 12.19 -8.53 -3.08
C ILE A 117 12.50 -9.96 -2.67
N LEU A 118 11.80 -10.46 -1.66
CA LEU A 118 12.00 -11.86 -1.28
C LEU A 118 11.62 -12.80 -2.42
N SER A 119 10.48 -12.55 -3.05
CA SER A 119 10.04 -13.39 -4.16
C SER A 119 11.03 -13.37 -5.32
N GLY A 120 11.84 -12.32 -5.45
CA GLY A 120 12.83 -12.23 -6.50
C GLY A 120 12.51 -11.28 -7.62
N THR A 121 11.27 -10.80 -7.72
CA THR A 121 10.86 -9.91 -8.82
C THR A 121 11.25 -8.45 -8.60
N LEU A 122 11.70 -8.06 -7.42
CA LEU A 122 12.22 -6.71 -7.19
C LEU A 122 13.72 -6.79 -6.93
N ASN A 123 14.49 -6.14 -7.79
CA ASN A 123 15.91 -6.03 -7.51
C ASN A 123 16.09 -5.15 -6.27
N PRO A 124 16.76 -5.64 -5.21
CA PRO A 124 16.97 -4.80 -4.02
C PRO A 124 17.54 -3.43 -4.32
N ILE A 125 18.58 -3.34 -5.16
CA ILE A 125 19.16 -2.06 -5.57
C ILE A 125 18.07 -1.07 -5.97
N LYS A 126 16.94 -1.56 -6.48
CA LYS A 126 15.86 -0.65 -6.85
C LYS A 126 15.24 0.00 -5.63
N ASP A 127 15.21 -0.70 -4.48
CA ASP A 127 14.66 -0.07 -3.29
C ASP A 127 15.65 0.87 -2.61
N LEU A 128 16.95 0.58 -2.69
CA LEU A 128 17.95 1.53 -2.22
C LEU A 128 17.82 2.85 -2.96
N HIS A 129 17.59 2.81 -4.28
CA HIS A 129 17.38 4.05 -5.03
C HIS A 129 16.08 4.75 -4.60
N LEU A 130 15.00 3.98 -4.44
CA LEU A 130 13.74 4.58 -4.00
C LEU A 130 13.93 5.32 -2.68
N GLY A 131 14.46 4.63 -1.66
CA GLY A 131 14.66 5.28 -0.38
C GLY A 131 15.53 6.51 -0.50
N LYS A 132 16.62 6.42 -1.27
CA LYS A 132 17.50 7.57 -1.44
C LYS A 132 16.72 8.78 -1.95
N LEU A 133 15.80 8.54 -2.88
CA LEU A 133 15.09 9.66 -3.47
C LEU A 133 14.00 10.20 -2.54
N ALA A 134 13.26 9.30 -1.88
CA ALA A 134 12.34 9.76 -0.85
C ALA A 134 13.07 10.55 0.23
N LEU A 135 14.28 10.11 0.59
CA LEU A 135 15.04 10.81 1.63
C LEU A 135 15.43 12.23 1.19
N THR A 136 15.51 12.52 -0.11
CA THR A 136 15.78 13.91 -0.50
C THR A 136 14.64 14.83 -0.08
N LYS A 137 13.42 14.31 0.06
CA LYS A 137 12.28 15.09 0.51
C LYS A 137 11.90 14.83 1.97
N PHE A 138 12.06 13.59 2.46
CA PHE A 138 11.77 13.25 3.85
C PHE A 138 13.04 12.70 4.48
N PRO A 139 14.01 13.58 4.77
CA PRO A 139 15.32 13.09 5.25
C PRO A 139 15.28 12.40 6.61
N LYS A 140 14.26 12.63 7.44
CA LYS A 140 14.25 11.95 8.73
C LYS A 140 13.39 10.70 8.74
N SER A 141 12.66 10.40 7.64
CA SER A 141 11.65 9.35 7.57
C SER A 141 12.10 8.07 8.26
N PRO A 142 11.59 7.80 9.47
CA PRO A 142 12.05 6.61 10.20
C PRO A 142 11.83 5.32 9.45
N GLU A 143 10.65 5.15 8.85
CA GLU A 143 10.35 3.90 8.17
C GLU A 143 11.30 3.68 7.00
N THR A 144 11.61 4.74 6.26
CA THR A 144 12.51 4.61 5.12
C THR A 144 13.86 4.05 5.54
N TRP A 145 14.44 4.63 6.60
CA TRP A 145 15.69 4.09 7.15
C TRP A 145 15.53 2.66 7.61
N ILE A 146 14.38 2.34 8.23
CA ILE A 146 14.13 0.99 8.71
C ILE A 146 14.09 0.01 7.53
N HIS A 147 13.31 0.36 6.51
CA HIS A 147 13.28 -0.45 5.30
C HIS A 147 14.67 -0.61 4.69
N ARG A 148 15.42 0.49 4.65
CA ARG A 148 16.73 0.47 4.00
C ARG A 148 17.68 -0.49 4.70
N ARG A 149 17.60 -0.57 6.03
CA ARG A 149 18.37 -1.57 6.76
C ARG A 149 17.91 -2.98 6.44
N TRP A 150 16.61 -3.19 6.23
CA TRP A 150 16.14 -4.53 5.92
C TRP A 150 16.71 -5.00 4.58
N VAL A 151 16.67 -4.12 3.58
CA VAL A 151 17.29 -4.39 2.29
C VAL A 151 18.77 -4.70 2.44
N LEU A 152 19.51 -3.80 3.09
CA LEU A 152 20.94 -4.00 3.25
C LEU A 152 21.26 -5.35 3.88
N GLN A 153 20.42 -5.81 4.82
CA GLN A 153 20.79 -7.07 5.47
C GLN A 153 20.49 -8.26 4.57
N GLN A 154 19.51 -8.13 3.65
CA GLN A 154 19.37 -9.13 2.61
C GLN A 154 20.62 -9.21 1.73
N LEU A 155 21.23 -8.06 1.41
CA LEU A 155 22.39 -8.08 0.52
C LEU A 155 23.67 -8.52 1.22
N ILE A 156 23.63 -8.79 2.52
CA ILE A 156 24.81 -9.37 3.16
C ILE A 156 24.55 -10.80 3.60
N GLN A 157 23.41 -11.36 3.20
CA GLN A 157 23.09 -12.75 3.50
C GLN A 157 23.01 -13.60 2.23
N GLU A 176 35.09 -5.08 -4.08
CA GLU A 176 34.28 -5.48 -2.95
C GLU A 176 32.94 -4.80 -3.03
N ARG A 177 31.86 -5.57 -3.03
CA ARG A 177 30.56 -4.94 -3.13
C ARG A 177 30.15 -4.31 -1.80
N ALA A 178 30.71 -4.82 -0.70
CA ALA A 178 30.47 -4.23 0.60
C ALA A 178 30.89 -2.76 0.64
N GLN A 179 32.10 -2.48 0.15
CA GLN A 179 32.64 -1.13 0.26
C GLN A 179 31.82 -0.16 -0.58
N ARG A 180 31.37 -0.59 -1.79
CA ARG A 180 30.49 0.27 -2.56
C ARG A 180 29.17 0.51 -1.84
N LEU A 181 28.66 -0.52 -1.15
CA LEU A 181 27.47 -0.33 -0.32
C LEU A 181 27.77 0.61 0.85
N ILE A 182 28.82 0.32 1.62
CA ILE A 182 29.20 1.18 2.72
C ILE A 182 29.37 2.61 2.25
N GLN A 183 30.08 2.78 1.14
CA GLN A 183 30.34 4.11 0.61
C GLN A 183 29.06 4.80 0.17
N GLU A 184 28.09 4.07 -0.39
CA GLU A 184 26.87 4.76 -0.81
C GLU A 184 26.00 5.11 0.40
N GLU A 185 26.00 4.25 1.43
CA GLU A 185 25.34 4.58 2.68
C GLU A 185 25.90 5.87 3.30
N MET A 186 27.23 5.98 3.39
CA MET A 186 27.81 7.19 3.97
C MET A 186 27.31 8.43 3.25
N GLU A 187 27.24 8.39 1.92
CA GLU A 187 26.81 9.56 1.16
C GLU A 187 25.33 9.83 1.38
N VAL A 188 24.50 8.78 1.38
CA VAL A 188 23.06 8.96 1.60
C VAL A 188 22.81 9.55 2.99
N CYS A 189 23.48 9.01 4.00
CA CYS A 189 23.36 9.54 5.36
C CYS A 189 23.86 10.97 5.44
N GLY A 190 25.04 11.23 4.85
CA GLY A 190 25.51 12.59 4.70
C GLY A 190 24.49 13.49 4.04
N GLU A 191 23.93 13.05 2.91
CA GLU A 191 22.90 13.84 2.24
C GLU A 191 21.74 14.13 3.18
N ALA A 192 21.25 13.11 3.88
CA ALA A 192 20.08 13.32 4.72
C ALA A 192 20.42 14.14 5.96
N ALA A 193 21.67 14.10 6.42
CA ALA A 193 22.05 14.93 7.56
C ALA A 193 22.13 16.41 7.17
N GLY A 194 22.67 16.74 5.99
CA GLY A 194 22.71 18.13 5.58
C GLY A 194 21.33 18.71 5.31
N ARG A 195 20.33 17.87 5.05
CA ARG A 195 18.99 18.35 4.73
C ARG A 195 18.11 18.54 5.95
N TYR A 196 18.54 18.08 7.10
CA TYR A 196 17.63 18.08 8.23
C TYR A 196 18.45 18.28 9.49
N PRO A 197 18.13 19.27 10.31
CA PRO A 197 19.01 19.60 11.43
C PRO A 197 19.02 18.46 12.46
N SER A 198 20.21 18.07 12.87
CA SER A 198 20.39 17.05 13.91
C SER A 198 19.59 15.79 13.59
N ASN A 199 19.76 15.30 12.38
CA ASN A 199 18.98 14.17 11.88
C ASN A 199 19.39 12.89 12.59
N TYR A 200 18.72 12.61 13.72
CA TYR A 200 19.01 11.42 14.51
C TYR A 200 18.96 10.14 13.69
N ASN A 201 17.94 9.98 12.85
CA ASN A 201 17.78 8.72 12.11
C ASN A 201 18.87 8.52 11.07
N ALA A 202 19.30 9.60 10.41
CA ALA A 202 20.33 9.47 9.39
C ALA A 202 21.63 8.95 10.00
N TRP A 203 22.03 9.57 11.12
CA TRP A 203 23.24 9.17 11.84
C TRP A 203 23.08 7.85 12.56
N SER A 204 21.89 7.56 13.13
CA SER A 204 21.61 6.21 13.61
C SER A 204 21.82 5.14 12.53
N HIS A 205 21.28 5.37 11.35
CA HIS A 205 21.53 4.44 10.25
C HIS A 205 23.01 4.34 9.95
N ARG A 206 23.71 5.49 9.98
CA ARG A 206 25.13 5.50 9.64
C ARG A 206 25.93 4.69 10.66
N ILE A 207 25.54 4.75 11.93
CA ILE A 207 26.16 3.90 12.95
C ILE A 207 25.93 2.43 12.62
N TRP A 208 24.65 2.05 12.47
CA TRP A 208 24.23 0.70 12.14
C TRP A 208 25.06 0.12 10.99
N VAL A 209 25.16 0.85 9.90
CA VAL A 209 25.94 0.43 8.74
C VAL A 209 27.37 0.09 9.14
N LEU A 210 28.00 0.96 9.94
CA LEU A 210 29.33 0.65 10.46
C LEU A 210 29.34 -0.66 11.22
N GLN A 211 28.29 -0.92 11.98
CA GLN A 211 28.31 -2.09 12.83
C GLN A 211 28.07 -3.36 12.04
N HIS A 212 27.06 -3.38 11.17
CA HIS A 212 26.61 -4.60 10.52
C HIS A 212 27.19 -4.81 9.12
N LEU A 213 27.59 -3.74 8.42
CA LEU A 213 28.17 -3.88 7.09
C LEU A 213 29.69 -3.77 7.07
N ALA A 214 30.27 -2.84 7.82
CA ALA A 214 31.71 -2.71 7.91
C ALA A 214 32.28 -3.42 9.12
N LYS A 215 31.43 -3.95 9.99
CA LYS A 215 31.81 -4.62 11.23
C LYS A 215 33.00 -3.94 11.92
N LEU A 216 32.88 -2.63 12.12
CA LEU A 216 33.83 -1.81 12.89
C LEU A 216 35.26 -1.93 12.36
N ASP A 217 35.41 -2.22 11.07
CA ASP A 217 36.71 -2.19 10.38
C ASP A 217 37.47 -0.90 10.71
N VAL A 218 38.66 -1.06 11.30
CA VAL A 218 39.41 0.04 11.87
C VAL A 218 39.80 1.09 10.81
N LYS A 219 40.03 0.69 9.56
CA LYS A 219 40.38 1.71 8.59
C LYS A 219 39.16 2.49 8.10
N ILE A 220 37.97 1.88 8.14
CA ILE A 220 36.75 2.62 7.82
C ILE A 220 36.44 3.64 8.91
N LEU A 221 36.50 3.21 10.17
CA LEU A 221 36.39 4.12 11.30
C LEU A 221 37.38 5.27 11.16
N LEU A 222 38.58 5.00 10.65
CA LEU A 222 39.53 6.09 10.48
C LEU A 222 39.10 6.99 9.33
N ASP A 223 38.78 6.39 8.17
CA ASP A 223 38.34 7.20 7.04
C ASP A 223 37.09 8.01 7.36
N GLU A 224 36.18 7.44 8.17
CA GLU A 224 35.02 8.21 8.57
C GLU A 224 35.41 9.36 9.49
N LEU A 225 36.27 9.11 10.47
CA LEU A 225 36.77 10.16 11.34
C LEU A 225 37.35 11.34 10.57
N SER A 226 38.04 11.08 9.46
CA SER A 226 38.64 12.16 8.69
C SER A 226 37.62 12.80 7.74
N SER A 227 36.83 11.99 7.04
CA SER A 227 35.83 12.56 6.12
C SER A 227 34.91 13.51 6.86
N THR A 228 34.58 13.15 8.10
CA THR A 228 33.45 13.73 8.78
C THR A 228 33.85 14.90 9.68
N LYS A 229 35.17 15.13 9.83
CA LYS A 229 35.66 16.29 10.57
C LYS A 229 35.26 17.58 9.86
N HIS A 230 35.32 17.58 8.52
CA HIS A 230 34.85 18.70 7.73
C HIS A 230 33.38 18.99 8.01
N TRP A 231 32.55 17.94 8.02
CA TRP A 231 31.11 18.14 8.17
C TRP A 231 30.78 18.70 9.54
N ALA A 232 31.44 18.20 10.58
CA ALA A 232 31.21 18.72 11.92
C ALA A 232 31.63 20.18 12.02
N SER A 233 32.74 20.54 11.34
CA SER A 233 33.19 21.93 11.30
C SER A 233 32.06 22.85 10.84
N MET A 234 31.28 22.40 9.86
CA MET A 234 30.24 23.20 9.25
C MET A 234 28.88 23.08 9.92
N HIS A 235 28.70 22.15 10.88
CA HIS A 235 27.40 21.94 11.55
C HIS A 235 27.64 21.90 13.06
N VAL A 236 28.03 23.05 13.60
CA VAL A 236 28.45 23.15 14.98
C VAL A 236 27.31 22.94 16.00
N SER A 237 26.06 23.12 15.60
CA SER A 237 24.97 22.94 16.55
C SER A 237 24.34 21.53 16.49
N ASP A 238 24.91 20.62 15.70
CA ASP A 238 24.30 19.34 15.35
C ASP A 238 24.89 18.23 16.22
N HIS A 239 24.11 17.75 17.20
CA HIS A 239 24.70 16.82 18.14
C HIS A 239 24.76 15.40 17.60
N SER A 240 23.89 15.05 16.66
CA SER A 240 23.97 13.74 16.04
C SER A 240 25.31 13.54 15.34
N GLY A 241 25.76 14.55 14.59
CA GLY A 241 27.04 14.46 13.91
C GLY A 241 28.18 14.26 14.89
N PHE A 242 28.16 15.00 16.03
CA PHE A 242 29.24 14.83 16.99
C PHE A 242 29.15 13.48 17.70
N HIS A 243 27.93 12.99 17.98
CA HIS A 243 27.82 11.67 18.56
C HIS A 243 28.40 10.62 17.61
N TYR A 244 28.18 10.80 16.29
CA TYR A 244 28.75 9.87 15.34
C TYR A 244 30.27 9.81 15.46
N ARG A 245 30.90 10.98 15.61
CA ARG A 245 32.34 11.01 15.88
C ARG A 245 32.67 10.37 17.22
N GLN A 246 31.84 10.58 18.23
CA GLN A 246 31.99 9.88 19.51
C GLN A 246 31.95 8.38 19.31
N PHE A 247 31.05 7.90 18.46
CA PHE A 247 30.94 6.47 18.20
C PHE A 247 32.20 5.95 17.52
N LEU A 248 32.63 6.64 16.46
CA LEU A 248 33.88 6.31 15.77
C LEU A 248 35.01 6.10 16.76
N LEU A 249 35.16 7.01 17.72
CA LEU A 249 36.31 6.97 18.62
C LEU A 249 36.18 5.84 19.64
N LYS A 250 35.03 5.75 20.30
CA LYS A 250 34.82 4.65 21.24
C LYS A 250 35.04 3.31 20.57
N SER A 251 34.53 3.16 19.35
CA SER A 251 34.67 1.87 18.68
C SER A 251 36.12 1.62 18.27
N LEU A 252 36.86 2.66 17.87
CA LEU A 252 38.31 2.50 17.71
C LEU A 252 38.98 2.07 19.01
N ILE A 253 38.55 2.64 20.14
CA ILE A 253 39.09 2.21 21.44
C ILE A 253 38.91 0.71 21.62
N SER A 254 37.71 0.19 21.34
CA SER A 254 37.43 -1.20 21.70
C SER A 254 38.22 -2.21 20.88
N GLN A 255 39.06 -1.77 19.93
CA GLN A 255 40.01 -2.67 19.29
C GLN A 255 41.43 -2.46 19.81
N PRO A 294 44.23 7.96 21.26
CA PRO A 294 45.42 8.55 21.88
C PRO A 294 45.71 9.93 21.31
N HIS A 295 46.38 9.95 20.16
CA HIS A 295 46.47 11.17 19.37
C HIS A 295 45.13 11.56 18.78
N LEU A 296 44.22 10.61 18.61
CA LEU A 296 42.91 10.93 18.08
C LEU A 296 42.04 11.64 19.10
N LEU A 297 42.12 11.21 20.36
CA LEU A 297 41.39 11.87 21.43
C LEU A 297 41.87 13.29 21.66
N GLU A 298 43.19 13.48 21.77
CA GLU A 298 43.76 14.81 21.94
C GLU A 298 43.35 15.73 20.79
N GLU A 299 43.41 15.22 19.55
CA GLU A 299 43.04 16.04 18.39
C GLU A 299 41.55 16.33 18.37
N GLU A 300 40.73 15.50 19.04
CA GLU A 300 39.32 15.79 19.12
C GLU A 300 39.01 16.81 20.23
N VAL A 301 39.80 16.83 21.30
CA VAL A 301 39.60 17.85 22.32
C VAL A 301 40.06 19.22 21.81
N GLU A 302 41.17 19.25 21.06
CA GLU A 302 41.63 20.52 20.48
C GLU A 302 40.61 21.04 19.48
N PHE A 303 40.13 20.16 18.60
CA PHE A 303 39.04 20.50 17.70
C PHE A 303 37.88 21.10 18.47
N SER A 304 37.52 20.52 19.62
CA SER A 304 36.43 21.09 20.41
C SER A 304 36.84 22.42 21.02
N THR A 305 38.10 22.56 21.45
CA THR A 305 38.57 23.85 21.95
C THR A 305 38.42 24.95 20.90
N ASP A 306 38.85 24.68 19.67
CA ASP A 306 38.73 25.64 18.58
C ASP A 306 37.26 26.00 18.35
N LEU A 307 36.40 24.99 18.22
CA LEU A 307 34.99 25.24 17.88
C LEU A 307 34.29 26.05 18.97
N ILE A 308 34.49 25.66 20.25
CA ILE A 308 33.91 26.40 21.38
C ILE A 308 34.36 27.85 21.37
N ASP A 309 35.63 28.09 21.00
CA ASP A 309 36.17 29.44 20.95
C ASP A 309 35.63 30.23 19.76
N SER A 310 35.40 29.59 18.64
CA SER A 310 34.99 30.33 17.47
C SER A 310 33.50 30.55 17.43
N TYR A 311 32.72 29.63 18.00
CA TYR A 311 31.26 29.70 18.00
C TYR A 311 30.78 29.59 19.44
N PRO A 312 30.93 30.65 20.23
CA PRO A 312 30.46 30.58 21.62
C PRO A 312 29.00 30.18 21.71
N GLY A 313 28.67 29.46 22.78
CA GLY A 313 27.29 29.25 23.17
C GLY A 313 26.54 28.12 22.51
N HIS A 314 27.21 27.03 22.18
CA HIS A 314 26.57 25.87 21.57
C HIS A 314 26.66 24.70 22.54
N GLU A 315 25.51 24.30 23.11
CA GLU A 315 25.51 23.19 24.07
C GLU A 315 26.04 21.91 23.43
N THR A 316 25.87 21.77 22.11
CA THR A 316 26.39 20.61 21.40
C THR A 316 27.90 20.48 21.53
N LEU A 317 28.63 21.59 21.39
CA LEU A 317 30.09 21.58 21.48
C LEU A 317 30.56 21.22 22.89
N TRP A 318 29.89 21.77 23.91
CA TRP A 318 30.27 21.46 25.28
C TRP A 318 29.87 20.05 25.66
N CYS A 319 28.77 19.57 25.11
CA CYS A 319 28.40 18.17 25.31
C CYS A 319 29.39 17.26 24.62
N HIS A 320 29.90 17.66 23.46
CA HIS A 320 30.87 16.82 22.77
C HIS A 320 32.16 16.73 23.57
N ARG A 321 32.65 17.88 24.07
CA ARG A 321 33.87 17.90 24.87
C ARG A 321 33.76 17.03 26.10
N ARG A 322 32.60 17.04 26.77
CA ARG A 322 32.35 16.12 27.88
C ARG A 322 32.59 14.67 27.45
N HIS A 323 31.81 14.20 26.48
CA HIS A 323 31.94 12.83 26.00
C HIS A 323 33.37 12.51 25.62
N ILE A 324 34.02 13.38 24.83
CA ILE A 324 35.37 13.07 24.38
C ILE A 324 36.36 13.11 25.54
N PHE A 325 36.24 14.10 26.44
CA PHE A 325 37.13 14.14 27.59
C PHE A 325 36.87 12.97 28.55
N TYR A 326 35.62 12.52 28.66
CA TYR A 326 35.34 11.32 29.45
C TYR A 326 36.13 10.13 28.94
N LEU A 327 36.18 9.94 27.62
CA LEU A 327 36.92 8.82 27.04
C LEU A 327 38.41 8.97 27.27
N GLN A 328 38.95 10.18 27.09
CA GLN A 328 40.38 10.40 27.28
C GLN A 328 40.84 10.04 28.67
N HIS A 329 39.94 10.06 29.64
CA HIS A 329 40.28 9.84 31.03
C HIS A 329 40.20 8.36 31.39
N HIS A 330 40.79 7.50 30.54
CA HIS A 330 40.80 6.06 30.78
C HIS A 330 42.11 5.41 30.33
N GLY A 371 46.16 16.67 34.20
CA GLY A 371 45.13 15.85 33.58
C GLY A 371 43.82 16.60 33.58
N LEU A 372 43.22 16.67 34.76
CA LEU A 372 42.03 17.48 34.98
C LEU A 372 42.37 18.91 35.41
N GLU A 373 43.64 19.17 35.76
CA GLU A 373 44.02 20.56 36.02
C GLU A 373 43.96 21.38 34.74
N MET A 374 44.54 20.87 33.64
CA MET A 374 44.48 21.55 32.34
C MET A 374 43.06 21.89 31.93
N GLU A 375 42.11 21.00 32.26
CA GLU A 375 40.71 21.24 31.91
C GLU A 375 40.10 22.31 32.81
N HIS A 376 40.49 22.33 34.08
CA HIS A 376 40.05 23.41 34.95
C HIS A 376 40.53 24.76 34.43
N ARG A 377 41.83 24.87 34.10
CA ARG A 377 42.34 26.15 33.62
C ARG A 377 41.71 26.54 32.29
N PHE A 378 41.31 25.57 31.46
CA PHE A 378 40.58 25.91 30.25
C PHE A 378 39.23 26.53 30.59
N ILE A 379 38.53 25.94 31.58
CA ILE A 379 37.26 26.48 32.02
C ILE A 379 37.47 27.83 32.69
N ASP A 380 38.54 27.97 33.49
CA ASP A 380 38.87 29.26 34.08
C ASP A 380 39.11 30.31 33.00
N GLN A 381 39.97 30.00 32.04
CA GLN A 381 40.28 30.96 30.99
C GLN A 381 39.05 31.27 30.15
N VAL A 382 38.18 30.28 29.92
CA VAL A 382 36.96 30.53 29.16
C VAL A 382 36.03 31.47 29.91
N LEU A 383 35.76 31.16 31.19
CA LEU A 383 34.77 31.92 31.95
C LEU A 383 35.26 33.32 32.29
N SER A 384 36.59 33.51 32.45
CA SER A 384 37.08 34.84 32.75
C SER A 384 36.81 35.79 31.58
N THR A 385 37.14 35.37 30.37
CA THR A 385 37.01 36.19 29.17
C THR A 385 35.99 35.55 28.23
N CYS A 386 34.71 35.69 28.56
CA CYS A 386 33.68 35.36 27.59
C CYS A 386 32.50 36.32 27.75
N ARG A 387 32.01 36.82 26.62
CA ARG A 387 30.85 37.70 26.60
C ARG A 387 29.54 36.95 26.41
N ASN A 388 29.58 35.78 25.79
CA ASN A 388 28.36 35.02 25.52
C ASN A 388 27.76 34.51 26.82
N VAL A 389 26.48 34.81 27.04
CA VAL A 389 25.82 34.41 28.27
C VAL A 389 25.54 32.91 28.26
N GLU A 390 25.12 32.38 27.10
CA GLU A 390 24.99 30.94 26.94
C GLU A 390 26.32 30.25 27.20
N GLN A 391 27.40 30.78 26.61
CA GLN A 391 28.71 30.16 26.81
C GLN A 391 29.09 30.06 28.28
N ALA A 392 28.70 31.07 29.09
CA ALA A 392 29.01 31.03 30.52
C ALA A 392 28.22 29.93 31.22
N ARG A 393 26.92 29.83 30.92
CA ARG A 393 26.12 28.72 31.43
C ARG A 393 26.82 27.38 31.17
N PHE A 394 27.16 27.11 29.90
CA PHE A 394 27.72 25.81 29.53
C PHE A 394 29.12 25.61 30.08
N ALA A 395 29.87 26.69 30.32
CA ALA A 395 31.18 26.50 30.94
C ALA A 395 31.05 26.25 32.43
N SER A 396 30.19 27.04 33.09
CA SER A 396 29.86 26.74 34.47
C SER A 396 29.27 25.34 34.60
N ALA A 397 28.50 24.89 33.61
CA ALA A 397 27.90 23.56 33.68
C ALA A 397 28.96 22.47 33.49
N TYR A 398 29.91 22.72 32.59
CA TYR A 398 31.03 21.82 32.42
C TYR A 398 31.83 21.66 33.70
N ARG A 399 32.02 22.73 34.48
CA ARG A 399 32.83 22.55 35.67
C ARG A 399 32.12 21.74 36.75
N LYS A 400 30.82 21.96 36.96
CA LYS A 400 30.08 21.13 37.91
C LYS A 400 30.16 19.65 37.53
N TRP A 401 30.21 19.36 36.22
CA TRP A 401 30.43 18.01 35.73
C TRP A 401 31.86 17.56 36.01
N LEU A 402 32.82 18.46 35.81
CA LEU A 402 34.23 18.13 35.94
C LEU A 402 34.58 17.64 37.34
N VAL A 403 34.03 18.29 38.37
CA VAL A 403 34.49 18.04 39.73
C VAL A 403 33.92 16.75 40.31
N THR A 404 32.91 16.17 39.66
CA THR A 404 32.47 14.84 40.07
C THR A 404 33.30 13.78 39.37
N LEU A 405 34.62 13.93 39.43
CA LEU A 405 35.55 13.00 38.80
C LEU A 405 36.79 12.83 39.68
N LYS B 7 17.49 28.41 19.44
CA LYS B 7 17.84 27.58 20.59
C LYS B 7 16.65 27.40 21.55
N ASP B 8 15.81 28.41 21.68
CA ASP B 8 14.73 28.34 22.64
C ASP B 8 13.54 29.16 22.17
N VAL B 9 12.40 28.94 22.82
CA VAL B 9 11.24 29.79 22.61
C VAL B 9 11.21 30.87 23.70
N ILE B 10 10.44 31.92 23.46
CA ILE B 10 10.19 33.00 24.42
C ILE B 10 8.69 33.01 24.70
N ILE B 11 8.33 32.92 25.96
CA ILE B 11 6.93 32.91 26.34
C ILE B 11 6.41 34.34 26.36
N LYS B 12 5.35 34.60 25.61
CA LYS B 12 4.85 35.96 25.49
C LYS B 12 4.03 36.33 26.72
N SER B 13 3.91 37.64 26.98
CA SER B 13 3.23 38.11 28.18
C SER B 13 1.76 37.68 28.23
N ASP B 14 1.17 37.33 27.08
CA ASP B 14 -0.23 36.90 27.01
C ASP B 14 -0.37 35.38 26.86
N ALA B 15 0.66 34.60 27.14
CA ALA B 15 0.52 33.16 27.01
C ALA B 15 -0.50 32.63 28.01
N PRO B 16 -1.32 31.65 27.63
CA PRO B 16 -2.25 31.06 28.59
C PRO B 16 -1.51 30.56 29.82
N ASP B 17 -2.00 30.99 30.98
CA ASP B 17 -1.36 30.71 32.26
C ASP B 17 -2.23 29.82 33.15
N THR B 18 -3.32 29.29 32.61
CA THR B 18 -4.27 28.49 33.33
C THR B 18 -4.75 27.39 32.39
N LEU B 19 -5.23 26.28 32.95
CA LEU B 19 -5.64 25.13 32.16
C LEU B 19 -7.04 25.35 31.61
N LEU B 20 -7.21 25.12 30.32
CA LEU B 20 -8.49 25.35 29.64
C LEU B 20 -9.12 24.01 29.25
N LEU B 21 -9.55 23.27 30.27
CA LEU B 21 -9.93 21.87 30.08
C LEU B 21 -11.10 21.71 29.11
N GLU B 22 -12.10 22.60 29.17
CA GLU B 22 -13.27 22.39 28.33
C GLU B 22 -12.94 22.56 26.85
N LYS B 23 -12.08 23.50 26.51
CA LYS B 23 -11.71 23.68 25.13
C LYS B 23 -10.89 22.50 24.60
N HIS B 24 -10.01 21.93 25.44
CA HIS B 24 -9.25 20.76 25.01
C HIS B 24 -10.16 19.56 24.74
N ALA B 25 -11.16 19.35 25.60
CA ALA B 25 -12.08 18.24 25.39
C ALA B 25 -12.94 18.49 24.17
N ASP B 26 -13.27 19.74 23.87
CA ASP B 26 -14.02 19.98 22.65
C ASP B 26 -13.15 19.73 21.43
N TYR B 27 -11.88 20.14 21.52
CA TYR B 27 -10.97 20.00 20.41
C TYR B 27 -10.81 18.53 20.05
N ILE B 28 -10.45 17.71 21.03
CA ILE B 28 -10.29 16.29 20.80
C ILE B 28 -11.62 15.64 20.40
N ALA B 29 -12.74 16.14 20.92
CA ALA B 29 -14.04 15.56 20.59
C ALA B 29 -14.51 15.93 19.19
N SER B 30 -14.01 17.00 18.60
CA SER B 30 -14.39 17.34 17.24
C SER B 30 -13.29 17.09 16.23
N TYR B 31 -12.11 16.67 16.68
CA TYR B 31 -11.01 16.34 15.78
C TYR B 31 -11.48 15.39 14.69
N GLY B 32 -11.35 15.82 13.42
CA GLY B 32 -11.79 15.02 12.27
C GLY B 32 -12.51 15.78 11.17
N ASP B 36 -11.51 15.41 6.51
CA ASP B 36 -10.61 15.53 5.36
C ASP B 36 -10.08 14.16 4.92
N ASP B 37 -9.82 13.99 3.61
CA ASP B 37 -9.46 12.70 3.03
C ASP B 37 -7.99 12.56 2.66
N TYR B 38 -7.38 13.57 2.03
CA TYR B 38 -5.95 13.52 1.77
C TYR B 38 -5.18 13.25 3.06
N GLU B 39 -5.37 14.09 4.07
CA GLU B 39 -4.58 13.99 5.28
C GLU B 39 -5.07 12.86 6.20
N TYR B 40 -6.31 12.38 5.99
CA TYR B 40 -6.69 11.14 6.65
C TYR B 40 -5.81 9.99 6.17
N CYS B 41 -5.48 9.97 4.87
CA CYS B 41 -4.67 8.89 4.33
C CYS B 41 -3.20 9.06 4.72
N MET B 42 -2.73 10.30 4.78
CA MET B 42 -1.34 10.56 5.17
C MET B 42 -1.05 10.11 6.59
N SER B 43 -2.08 10.04 7.44
CA SER B 43 -1.92 9.72 8.85
C SER B 43 -2.33 8.29 9.20
N GLU B 44 -2.89 7.54 8.24
CA GLU B 44 -3.56 6.31 8.63
C GLU B 44 -2.60 5.26 9.16
N TYR B 45 -1.33 5.30 8.73
CA TYR B 45 -0.32 4.36 9.18
C TYR B 45 -0.12 4.41 10.69
N LEU B 46 -0.78 5.33 11.39
CA LEU B 46 -0.68 5.35 12.85
C LEU B 46 -2.04 5.57 13.50
N ARG B 47 -3.13 5.27 12.79
CA ARG B 47 -4.47 5.57 13.27
C ARG B 47 -4.70 5.04 14.68
N MET B 48 -4.32 3.78 14.93
CA MET B 48 -4.52 3.17 16.23
C MET B 48 -3.94 4.03 17.35
N SER B 49 -2.72 4.54 17.17
CA SER B 49 -2.12 5.33 18.24
C SER B 49 -2.79 6.71 18.35
N GLY B 50 -3.06 7.36 17.20
CA GLY B 50 -3.89 8.55 17.19
C GLY B 50 -5.15 8.38 18.04
N ILE B 51 -5.84 7.25 17.90
CA ILE B 51 -7.02 7.02 18.73
C ILE B 51 -6.63 6.86 20.19
N TYR B 52 -5.50 6.22 20.48
CA TYR B 52 -5.07 6.07 21.85
C TYR B 52 -4.77 7.42 22.50
N TRP B 53 -4.06 8.30 21.77
CA TRP B 53 -3.83 9.64 22.31
C TRP B 53 -5.15 10.31 22.66
N GLY B 54 -6.12 10.22 21.74
CA GLY B 54 -7.34 10.98 21.90
C GLY B 54 -8.24 10.42 22.98
N LEU B 55 -8.33 9.10 23.09
CA LEU B 55 -9.14 8.53 24.15
C LEU B 55 -8.50 8.78 25.49
N THR B 56 -7.16 8.69 25.54
CA THR B 56 -6.48 8.77 26.83
C THR B 56 -6.54 10.16 27.41
N VAL B 57 -6.36 11.18 26.57
CA VAL B 57 -6.48 12.53 27.07
C VAL B 57 -7.91 12.80 27.50
N MET B 58 -8.88 12.23 26.79
CA MET B 58 -10.29 12.44 27.14
C MET B 58 -10.62 11.79 28.48
N ASP B 59 -10.07 10.61 28.75
CA ASP B 59 -10.36 10.03 30.05
C ASP B 59 -9.60 10.74 31.16
N LEU B 60 -8.36 11.19 30.90
CA LEU B 60 -7.66 12.01 31.87
C LEU B 60 -8.45 13.28 32.23
N MET B 61 -9.33 13.71 31.34
CA MET B 61 -10.10 14.93 31.52
C MET B 61 -11.53 14.63 31.92
N GLY B 62 -11.82 13.38 32.30
CA GLY B 62 -13.16 12.99 32.64
C GLY B 62 -14.16 13.11 31.51
N GLN B 63 -13.72 12.87 30.26
CA GLN B 63 -14.60 13.04 29.11
C GLN B 63 -14.71 11.80 28.24
N LEU B 64 -14.19 10.65 28.68
CA LEU B 64 -14.13 9.49 27.79
C LEU B 64 -15.50 9.15 27.25
N HIS B 65 -16.55 9.37 28.06
CA HIS B 65 -17.90 9.05 27.61
C HIS B 65 -18.30 9.82 26.35
N ARG B 66 -17.68 10.98 26.10
CA ARG B 66 -17.91 11.69 24.84
C ARG B 66 -17.59 10.84 23.62
N MET B 67 -16.67 9.88 23.73
CA MET B 67 -16.29 9.13 22.55
C MET B 67 -17.17 7.90 22.33
N ASN B 68 -17.14 7.39 21.08
CA ASN B 68 -17.96 6.27 20.61
C ASN B 68 -17.24 4.98 20.96
N ARG B 69 -17.58 4.43 22.14
CA ARG B 69 -16.94 3.21 22.60
C ARG B 69 -17.04 2.10 21.55
N GLU B 70 -18.21 1.99 20.92
CA GLU B 70 -18.49 0.80 20.12
C GLU B 70 -17.80 0.83 18.76
N GLU B 71 -17.76 1.97 18.08
CA GLU B 71 -17.00 2.04 16.85
C GLU B 71 -15.50 1.87 17.09
N ILE B 72 -15.01 2.21 18.28
CA ILE B 72 -13.59 2.02 18.59
C ILE B 72 -13.29 0.54 18.77
N LEU B 73 -14.06 -0.13 19.64
CA LEU B 73 -13.89 -1.56 19.87
C LEU B 73 -14.08 -2.37 18.59
N ALA B 74 -15.05 -1.98 17.76
CA ALA B 74 -15.18 -2.66 16.48
C ALA B 74 -13.94 -2.45 15.62
N PHE B 75 -13.41 -1.22 15.60
CA PHE B 75 -12.19 -0.93 14.87
C PHE B 75 -11.03 -1.80 15.35
N ILE B 76 -10.82 -1.86 16.66
CA ILE B 76 -9.72 -2.67 17.19
C ILE B 76 -9.93 -4.14 16.85
N LYS B 77 -11.14 -4.66 17.09
CA LYS B 77 -11.43 -6.06 16.80
C LYS B 77 -11.10 -6.36 15.34
N SER B 78 -11.38 -5.40 14.46
CA SER B 78 -11.17 -5.48 13.03
C SER B 78 -9.71 -5.22 12.61
N CYS B 79 -8.79 -4.99 13.55
CA CYS B 79 -7.40 -4.74 13.23
C CYS B 79 -6.47 -5.86 13.68
N GLN B 80 -6.97 -6.86 14.38
CA GLN B 80 -6.11 -7.96 14.77
C GLN B 80 -5.96 -8.95 13.61
N HIS B 81 -4.72 -9.20 13.22
CA HIS B 81 -4.44 -10.15 12.15
C HIS B 81 -4.32 -11.56 12.72
N GLU B 82 -4.37 -12.55 11.82
CA GLU B 82 -4.44 -13.93 12.28
C GLU B 82 -3.17 -14.37 12.99
N CYS B 83 -2.07 -13.64 12.82
CA CYS B 83 -0.87 -13.88 13.60
C CYS B 83 -1.00 -13.37 15.02
N GLY B 84 -2.05 -12.61 15.31
CA GLY B 84 -2.30 -12.09 16.63
C GLY B 84 -1.96 -10.63 16.79
N GLY B 85 -1.07 -10.12 15.95
CA GLY B 85 -0.67 -8.73 16.03
C GLY B 85 -1.74 -7.80 15.52
N ILE B 86 -1.64 -6.54 15.97
CA ILE B 86 -2.63 -5.53 15.66
C ILE B 86 -1.96 -4.43 14.85
N SER B 87 -2.65 -4.00 13.78
CA SER B 87 -2.21 -2.98 12.84
C SER B 87 -2.79 -1.61 13.18
N ALA B 88 -2.21 -0.57 12.56
CA ALA B 88 -2.66 0.78 12.83
C ALA B 88 -4.06 1.02 12.31
N SER B 89 -4.46 0.32 11.25
CA SER B 89 -5.79 0.49 10.70
C SER B 89 -6.16 -0.76 9.93
N ILE B 90 -7.41 -0.78 9.45
CA ILE B 90 -7.93 -1.91 8.70
C ILE B 90 -7.07 -2.14 7.47
N GLY B 91 -6.53 -3.34 7.33
CA GLY B 91 -5.74 -3.63 6.14
C GLY B 91 -4.30 -3.17 6.16
N HIS B 92 -3.84 -2.53 7.23
CA HIS B 92 -2.42 -2.29 7.44
C HIS B 92 -1.74 -3.51 8.05
N ASP B 93 -0.44 -3.57 7.92
CA ASP B 93 0.27 -4.72 8.47
C ASP B 93 0.42 -4.63 10.00
N PRO B 94 0.31 -5.74 10.73
CA PRO B 94 0.43 -5.67 12.18
C PRO B 94 1.80 -5.13 12.57
N HIS B 95 1.84 -4.43 13.69
CA HIS B 95 3.09 -3.94 14.24
C HIS B 95 2.95 -3.91 15.74
N LEU B 96 4.07 -4.09 16.44
CA LEU B 96 4.02 -4.03 17.90
C LEU B 96 3.51 -2.66 18.40
N LEU B 97 3.87 -1.57 17.70
CA LEU B 97 3.43 -0.24 18.18
C LEU B 97 1.92 -0.17 18.30
N TYR B 98 1.21 -0.63 17.27
CA TYR B 98 -0.25 -0.52 17.26
C TYR B 98 -0.91 -1.64 18.04
N THR B 99 -0.14 -2.66 18.40
CA THR B 99 -0.62 -3.67 19.34
C THR B 99 -0.59 -3.12 20.76
N LEU B 100 0.48 -2.41 21.14
CA LEU B 100 0.48 -1.67 22.39
C LEU B 100 -0.69 -0.70 22.45
N SER B 101 -0.84 0.13 21.42
CA SER B 101 -1.92 1.12 21.39
C SER B 101 -3.29 0.47 21.60
N ALA B 102 -3.62 -0.53 20.77
CA ALA B 102 -4.92 -1.17 20.86
C ALA B 102 -5.15 -1.78 22.24
N VAL B 103 -4.09 -2.33 22.86
CA VAL B 103 -4.23 -2.94 24.18
C VAL B 103 -4.41 -1.86 25.25
N GLN B 104 -3.70 -0.74 25.10
CA GLN B 104 -3.97 0.40 25.98
C GLN B 104 -5.43 0.84 25.85
N ILE B 105 -5.90 1.01 24.62
CA ILE B 105 -7.29 1.42 24.39
C ILE B 105 -8.27 0.44 25.04
N LEU B 106 -8.02 -0.86 24.85
CA LEU B 106 -8.91 -1.88 25.42
C LEU B 106 -8.86 -1.87 26.94
N THR B 107 -7.70 -1.53 27.52
CA THR B 107 -7.56 -1.41 28.96
C THR B 107 -8.38 -0.25 29.51
N LEU B 108 -8.43 0.86 28.77
CA LEU B 108 -9.29 1.98 29.15
C LEU B 108 -10.76 1.58 29.14
N TYR B 109 -11.15 0.78 28.17
CA TYR B 109 -12.54 0.38 28.00
C TYR B 109 -12.85 -0.94 28.71
N ASP B 110 -11.92 -1.45 29.52
CA ASP B 110 -12.10 -2.72 30.21
C ASP B 110 -12.64 -3.78 29.26
N SER B 111 -12.17 -3.75 28.02
CA SER B 111 -12.67 -4.66 27.01
C SER B 111 -11.53 -5.46 26.40
N ILE B 112 -10.51 -5.76 27.21
CA ILE B 112 -9.36 -6.50 26.70
C ILE B 112 -9.77 -7.76 25.92
N ASN B 113 -10.89 -8.40 26.27
CA ASN B 113 -11.25 -9.68 25.68
C ASN B 113 -12.13 -9.59 24.44
N VAL B 114 -12.29 -8.40 23.85
CA VAL B 114 -12.90 -8.32 22.52
C VAL B 114 -11.93 -8.77 21.43
N ILE B 115 -10.63 -8.81 21.70
CA ILE B 115 -9.65 -9.46 20.84
C ILE B 115 -9.13 -10.73 21.51
N ASP B 116 -8.42 -11.52 20.72
CA ASP B 116 -7.78 -12.76 21.16
C ASP B 116 -6.52 -12.40 21.94
N VAL B 117 -6.64 -12.39 23.27
CA VAL B 117 -5.48 -12.04 24.09
C VAL B 117 -4.35 -13.06 23.90
N ASN B 118 -4.68 -14.34 23.72
CA ASN B 118 -3.65 -15.38 23.64
C ASN B 118 -2.81 -15.20 22.39
N LYS B 119 -3.42 -14.79 21.30
CA LYS B 119 -2.65 -14.66 20.08
C LYS B 119 -1.86 -13.34 20.07
N VAL B 120 -2.34 -12.28 20.76
CA VAL B 120 -1.54 -11.09 21.00
C VAL B 120 -0.28 -11.45 21.78
N VAL B 121 -0.44 -12.26 22.84
CA VAL B 121 0.70 -12.74 23.61
C VAL B 121 1.63 -13.57 22.74
N GLU B 122 1.06 -14.42 21.90
CA GLU B 122 1.92 -15.20 21.01
C GLU B 122 2.65 -14.30 20.01
N TYR B 123 1.99 -13.27 19.50
CA TYR B 123 2.63 -12.34 18.59
C TYR B 123 3.79 -11.59 19.25
N VAL B 124 3.58 -11.06 20.45
CA VAL B 124 4.66 -10.37 21.16
C VAL B 124 5.83 -11.32 21.41
N LYS B 125 5.54 -12.46 22.07
CA LYS B 125 6.56 -13.46 22.34
C LYS B 125 7.39 -13.80 21.09
N GLY B 126 6.74 -13.88 19.92
CA GLY B 126 7.42 -14.27 18.70
C GLY B 126 8.39 -13.24 18.16
N LEU B 127 8.30 -12.00 18.62
CA LEU B 127 9.19 -10.98 18.13
C LEU B 127 10.51 -10.93 18.88
N GLN B 128 10.65 -11.68 19.98
CA GLN B 128 11.91 -11.62 20.69
C GLN B 128 12.98 -12.38 19.92
N LYS B 129 14.21 -11.92 20.08
CA LYS B 129 15.37 -12.50 19.43
C LYS B 129 16.26 -13.11 20.49
N GLU B 130 17.22 -13.89 20.04
CA GLU B 130 18.00 -14.71 20.95
C GLU B 130 18.84 -13.86 21.91
N ASP B 131 19.14 -12.59 21.54
CA ASP B 131 19.89 -11.71 22.44
C ASP B 131 18.99 -10.92 23.41
N GLY B 132 17.69 -11.21 23.42
CA GLY B 132 16.76 -10.56 24.31
C GLY B 132 16.02 -9.39 23.70
N SER B 133 16.52 -8.88 22.59
CA SER B 133 15.91 -7.72 21.99
C SER B 133 14.57 -8.09 21.37
N PHE B 134 13.77 -7.08 21.05
CA PHE B 134 12.52 -7.29 20.34
C PHE B 134 12.53 -6.56 19.00
N ALA B 135 11.93 -7.19 18.00
CA ALA B 135 11.67 -6.55 16.73
C ALA B 135 10.29 -5.88 16.76
N GLY B 136 10.10 -4.90 15.86
CA GLY B 136 8.84 -4.19 15.84
C GLY B 136 7.72 -4.98 15.17
N ASP B 137 8.08 -5.89 14.27
CA ASP B 137 7.19 -6.74 13.49
C ASP B 137 8.05 -7.84 12.89
N ILE B 138 7.46 -8.66 12.01
CA ILE B 138 8.14 -9.85 11.47
C ILE B 138 9.42 -9.52 10.69
N TRP B 139 9.57 -8.27 10.25
CA TRP B 139 10.69 -7.94 9.38
C TRP B 139 11.97 -7.67 10.16
N GLY B 140 11.90 -7.50 11.48
CA GLY B 140 13.10 -7.56 12.31
C GLY B 140 13.81 -6.26 12.66
N GLU B 141 13.17 -5.10 12.60
CA GLU B 141 13.83 -3.90 13.08
C GLU B 141 13.93 -3.94 14.61
N ILE B 142 15.15 -3.79 15.11
CA ILE B 142 15.45 -3.80 16.54
C ILE B 142 15.45 -2.36 17.05
N ASP B 143 14.76 -2.15 18.16
CA ASP B 143 14.68 -0.86 18.81
C ASP B 143 14.30 -1.11 20.25
N THR B 144 14.96 -0.40 21.17
CA THR B 144 14.53 -0.47 22.55
C THR B 144 13.10 0.02 22.73
N ARG B 145 12.62 0.87 21.81
CA ARG B 145 11.22 1.26 21.84
C ARG B 145 10.31 0.03 21.78
N PHE B 146 10.75 -1.01 21.06
CA PHE B 146 10.00 -2.24 20.94
C PHE B 146 10.14 -3.12 22.19
N SER B 147 11.31 -3.17 22.82
CA SER B 147 11.42 -3.82 24.12
C SER B 147 10.44 -3.20 25.11
N PHE B 148 10.27 -1.87 25.04
CA PHE B 148 9.30 -1.23 25.88
C PHE B 148 7.88 -1.62 25.47
N CYS B 149 7.55 -1.50 24.18
CA CYS B 149 6.19 -1.84 23.74
C CYS B 149 5.83 -3.28 24.10
N ALA B 150 6.82 -4.18 24.04
CA ALA B 150 6.57 -5.58 24.33
C ALA B 150 6.18 -5.77 25.80
N VAL B 151 6.97 -5.23 26.71
CA VAL B 151 6.67 -5.51 28.11
C VAL B 151 5.48 -4.69 28.58
N ALA B 152 5.24 -3.53 27.96
CA ALA B 152 4.06 -2.75 28.32
C ALA B 152 2.79 -3.48 27.93
N THR B 153 2.76 -4.03 26.71
CA THR B 153 1.62 -4.83 26.28
C THR B 153 1.42 -6.04 27.18
N LEU B 154 2.51 -6.75 27.49
CA LEU B 154 2.38 -7.97 28.29
C LEU B 154 2.00 -7.65 29.72
N ALA B 155 2.58 -6.59 30.29
CA ALA B 155 2.20 -6.17 31.64
C ALA B 155 0.71 -5.85 31.73
N LEU B 156 0.19 -5.14 30.72
CA LEU B 156 -1.23 -4.80 30.71
C LEU B 156 -2.10 -6.04 30.67
N LEU B 157 -1.66 -7.09 29.97
CA LEU B 157 -2.38 -8.34 29.88
C LEU B 157 -2.08 -9.28 31.03
N GLY B 158 -1.16 -8.91 31.92
CA GLY B 158 -0.72 -9.76 33.00
C GLY B 158 0.07 -10.96 32.52
N LYS B 159 0.86 -10.79 31.47
CA LYS B 159 1.48 -11.94 30.80
C LYS B 159 2.97 -11.71 30.53
N LEU B 160 3.64 -10.98 31.43
CA LEU B 160 5.08 -10.74 31.33
C LEU B 160 5.91 -12.03 31.35
N ASP B 161 5.39 -13.13 31.93
CA ASP B 161 6.13 -14.37 31.94
C ASP B 161 6.23 -15.00 30.57
N ALA B 162 5.41 -14.55 29.63
CA ALA B 162 5.38 -15.18 28.32
C ALA B 162 6.65 -14.92 27.54
N ILE B 163 7.46 -13.92 27.90
CA ILE B 163 8.72 -13.70 27.20
C ILE B 163 9.88 -14.01 28.14
N ASN B 164 11.10 -13.94 27.60
CA ASN B 164 12.33 -14.16 28.36
C ASN B 164 12.76 -12.82 28.94
N VAL B 165 12.35 -12.58 30.19
CA VAL B 165 12.51 -11.26 30.79
C VAL B 165 13.97 -10.96 31.10
N GLU B 166 14.71 -11.96 31.59
CA GLU B 166 16.11 -11.71 31.94
C GLU B 166 16.94 -11.36 30.70
N LYS B 167 16.71 -12.07 29.59
CA LYS B 167 17.39 -11.70 28.34
C LYS B 167 16.96 -10.32 27.87
N ALA B 168 15.66 -10.02 27.96
CA ALA B 168 15.18 -8.70 27.54
C ALA B 168 15.82 -7.60 28.37
N ILE B 169 15.97 -7.82 29.69
CA ILE B 169 16.63 -6.83 30.54
C ILE B 169 18.08 -6.64 30.10
N GLU B 170 18.81 -7.75 30.01
CA GLU B 170 20.21 -7.71 29.64
C GLU B 170 20.43 -6.91 28.36
N PHE B 171 19.54 -7.10 27.37
CA PHE B 171 19.70 -6.38 26.12
C PHE B 171 19.57 -4.87 26.32
N VAL B 172 18.46 -4.45 26.96
CA VAL B 172 18.18 -3.04 27.21
C VAL B 172 19.34 -2.39 27.93
N LEU B 173 19.96 -3.12 28.85
CA LEU B 173 21.09 -2.58 29.60
C LEU B 173 22.33 -2.40 28.74
N SER B 174 22.47 -3.20 27.69
CA SER B 174 23.58 -3.00 26.76
C SER B 174 23.39 -1.77 25.88
N CYS B 175 22.24 -1.09 25.99
CA CYS B 175 21.99 0.14 25.26
C CYS B 175 22.30 1.37 26.12
N MET B 176 22.77 1.16 27.33
CA MET B 176 23.02 2.28 28.21
C MET B 176 24.32 2.94 27.82
N ASN B 177 24.26 4.24 27.59
CA ASN B 177 25.45 4.96 27.20
C ASN B 177 26.20 5.40 28.45
N PHE B 178 27.47 5.76 28.25
CA PHE B 178 28.21 6.26 29.40
C PHE B 178 27.70 7.62 29.85
N ASP B 179 26.88 8.31 29.07
CA ASP B 179 26.29 9.55 29.58
C ASP B 179 25.01 9.30 30.38
N GLY B 180 24.66 8.03 30.62
CA GLY B 180 23.50 7.69 31.38
C GLY B 180 22.25 7.46 30.58
N GLY B 181 22.21 7.95 29.34
CA GLY B 181 21.04 7.79 28.49
C GLY B 181 21.02 6.48 27.72
N PHE B 182 20.03 6.38 26.84
CA PHE B 182 19.79 5.23 26.00
C PHE B 182 19.38 5.72 24.62
N GLY B 183 19.70 4.93 23.60
CA GLY B 183 19.20 5.18 22.27
C GLY B 183 18.41 3.99 21.75
N CYS B 184 18.25 3.87 20.43
CA CYS B 184 17.45 2.77 19.91
C CYS B 184 18.18 1.43 20.03
N ARG B 185 19.52 1.43 19.82
CA ARG B 185 20.35 0.21 19.86
C ARG B 185 21.68 0.49 20.58
N PRO B 186 22.53 -0.53 20.82
CA PRO B 186 23.91 -0.23 21.24
C PRO B 186 24.63 0.66 20.23
N GLY B 187 25.37 1.65 20.76
CA GLY B 187 26.08 2.59 19.96
C GLY B 187 25.27 3.80 19.56
N SER B 188 23.97 3.80 19.85
CA SER B 188 23.11 4.91 19.46
C SER B 188 23.30 6.13 20.37
N GLU B 189 23.03 7.30 19.79
CA GLU B 189 22.97 8.54 20.55
C GLU B 189 21.84 8.50 21.58
N SER B 190 22.13 9.03 22.77
CA SER B 190 21.10 9.11 23.81
C SER B 190 20.02 10.11 23.41
N HIS B 191 18.80 9.82 23.84
CA HIS B 191 17.63 10.39 23.20
C HIS B 191 16.47 10.28 24.19
N ALA B 192 15.80 11.40 24.48
CA ALA B 192 14.83 11.44 25.56
C ALA B 192 13.70 10.45 25.34
N GLY B 193 13.21 10.32 24.10
CA GLY B 193 12.16 9.38 23.84
C GLY B 193 12.61 7.96 24.09
N GLN B 194 13.85 7.64 23.70
CA GLN B 194 14.38 6.30 23.93
C GLN B 194 14.64 6.08 25.42
N ILE B 195 15.14 7.11 26.12
CA ILE B 195 15.38 6.97 27.56
C ILE B 195 14.08 6.66 28.28
N TYR B 196 12.98 7.27 27.83
CA TYR B 196 11.67 7.01 28.40
C TYR B 196 11.27 5.55 28.20
N CYS B 197 11.50 5.01 27.01
CA CYS B 197 11.16 3.62 26.74
C CYS B 197 11.97 2.67 27.62
N CYS B 198 13.29 2.84 27.68
CA CYS B 198 14.13 1.98 28.50
C CYS B 198 13.82 2.14 29.99
N THR B 199 13.72 3.39 30.47
CA THR B 199 13.31 3.65 31.85
C THR B 199 11.99 2.97 32.15
N GLY B 200 11.00 3.15 31.27
CA GLY B 200 9.75 2.45 31.45
C GLY B 200 9.91 0.94 31.39
N PHE B 201 10.81 0.45 30.53
CA PHE B 201 11.08 -0.99 30.50
C PHE B 201 11.61 -1.46 31.83
N LEU B 202 12.61 -0.76 32.37
CA LEU B 202 13.24 -1.14 33.62
C LEU B 202 12.32 -0.96 34.83
N ALA B 203 11.27 -0.15 34.71
CA ALA B 203 10.29 -0.06 35.79
C ALA B 203 9.32 -1.25 35.74
N ILE B 204 8.83 -1.59 34.55
CA ILE B 204 7.89 -2.71 34.45
C ILE B 204 8.53 -4.01 34.94
N THR B 205 9.84 -4.18 34.71
CA THR B 205 10.59 -5.39 35.03
C THR B 205 11.42 -5.28 36.32
N SER B 206 11.24 -4.20 37.12
CA SER B 206 11.85 -4.07 38.43
C SER B 206 13.38 -4.09 38.39
N GLN B 207 13.96 -3.30 37.48
CA GLN B 207 15.42 -3.28 37.36
C GLN B 207 15.98 -1.86 37.38
N LEU B 208 15.21 -0.88 37.86
CA LEU B 208 15.69 0.50 37.86
C LEU B 208 16.98 0.69 38.64
N HIS B 209 17.31 -0.23 39.56
CA HIS B 209 18.55 -0.11 40.32
C HIS B 209 19.82 -0.39 39.50
N GLN B 210 19.73 -0.94 38.29
CA GLN B 210 20.91 -1.03 37.44
C GLN B 210 21.13 0.23 36.64
N VAL B 211 20.34 1.25 36.92
CA VAL B 211 20.46 2.56 36.32
C VAL B 211 21.06 3.51 37.35
N ASN B 212 22.14 4.19 36.96
CA ASN B 212 22.77 5.26 37.72
C ASN B 212 21.85 6.47 37.69
N SER B 213 20.89 6.50 38.63
CA SER B 213 19.87 7.53 38.63
C SER B 213 20.47 8.93 38.61
N ASP B 214 21.59 9.14 39.29
CA ASP B 214 22.21 10.45 39.29
C ASP B 214 22.76 10.81 37.92
N LEU B 215 23.36 9.84 37.22
CA LEU B 215 23.81 10.05 35.85
C LEU B 215 22.65 10.36 34.92
N LEU B 216 21.65 9.47 34.89
CA LEU B 216 20.52 9.67 33.99
C LEU B 216 19.79 10.97 34.32
N GLY B 217 19.44 11.18 35.60
CA GLY B 217 18.74 12.41 35.98
C GLY B 217 19.53 13.66 35.67
N TRP B 218 20.86 13.53 35.63
CA TRP B 218 21.70 14.66 35.26
C TRP B 218 21.58 14.96 33.77
N TRP B 219 21.66 13.92 32.93
CA TRP B 219 21.42 14.09 31.51
C TRP B 219 20.02 14.67 31.28
N LEU B 220 19.04 14.14 32.03
CA LEU B 220 17.64 14.53 31.85
C LEU B 220 17.40 15.97 32.27
N CYS B 221 17.93 16.40 33.42
CA CYS B 221 17.61 17.76 33.84
C CYS B 221 18.30 18.82 32.99
N GLU B 222 19.34 18.46 32.23
CA GLU B 222 19.93 19.41 31.30
C GLU B 222 19.07 19.62 30.06
N ARG B 223 17.93 18.96 29.98
CA ARG B 223 16.99 19.16 28.90
C ARG B 223 16.11 20.40 29.11
N GLN B 224 16.15 21.01 30.29
CA GLN B 224 15.36 22.21 30.57
C GLN B 224 16.08 23.44 30.04
N LEU B 225 15.39 24.20 29.24
CA LEU B 225 15.85 25.43 28.65
C LEU B 225 15.39 26.62 29.49
N PRO B 226 16.04 27.79 29.34
CA PRO B 226 15.62 28.95 30.13
C PRO B 226 14.13 29.21 30.08
N SER B 227 13.46 28.90 28.96
CA SER B 227 12.01 29.09 28.87
C SER B 227 11.22 28.19 29.83
N GLY B 228 11.84 27.15 30.39
CA GLY B 228 11.13 26.16 31.19
C GLY B 228 10.83 24.86 30.45
N GLY B 229 10.67 24.94 29.12
CA GLY B 229 10.39 23.77 28.34
C GLY B 229 11.57 22.84 28.26
N LEU B 230 11.29 21.61 27.82
CA LEU B 230 12.25 20.52 27.77
C LEU B 230 12.48 20.11 26.32
N ASN B 231 13.73 19.86 25.96
CA ASN B 231 14.00 19.31 24.64
C ASN B 231 14.31 17.81 24.74
N GLY B 232 14.55 17.18 23.60
CA GLY B 232 14.78 15.75 23.61
C GLY B 232 16.26 15.40 23.57
N ARG B 233 17.09 16.36 23.13
CA ARG B 233 18.52 16.17 22.98
C ARG B 233 19.20 17.52 23.07
N PRO B 234 20.52 17.58 23.29
CA PRO B 234 21.24 18.84 23.26
C PRO B 234 20.89 19.75 22.09
N GLU B 235 20.67 21.02 22.40
CA GLU B 235 20.51 22.10 21.42
C GLU B 235 19.32 21.86 20.49
N LYS B 236 18.31 21.15 20.96
CA LYS B 236 17.03 21.09 20.26
C LYS B 236 16.07 22.08 20.89
N LEU B 237 15.10 22.52 20.09
CA LEU B 237 14.04 23.37 20.62
C LEU B 237 13.25 22.62 21.70
N PRO B 238 12.67 23.33 22.66
CA PRO B 238 11.83 22.66 23.65
C PRO B 238 10.55 22.21 22.98
N ASP B 239 9.93 21.19 23.56
CA ASP B 239 8.86 20.46 22.90
C ASP B 239 7.99 19.90 24.01
N VAL B 240 6.66 20.01 23.86
CA VAL B 240 5.75 19.46 24.86
C VAL B 240 5.93 17.94 24.96
N CYS B 241 6.06 17.26 23.81
CA CYS B 241 6.08 15.80 23.86
C CYS B 241 7.33 15.31 24.55
N TYR B 242 8.48 15.91 24.22
CA TYR B 242 9.72 15.57 24.91
C TYR B 242 9.69 16.09 26.33
N SER B 243 8.92 17.14 26.60
CA SER B 243 8.76 17.56 27.98
C SER B 243 8.13 16.46 28.80
N TRP B 244 7.10 15.81 28.25
CA TRP B 244 6.45 14.74 28.98
C TRP B 244 7.41 13.57 29.21
N TRP B 245 8.09 13.10 28.15
CA TRP B 245 8.99 11.96 28.31
C TRP B 245 10.11 12.24 29.28
N VAL B 246 10.65 13.47 29.28
CA VAL B 246 11.71 13.78 30.24
C VAL B 246 11.13 13.86 31.64
N LEU B 247 9.98 14.49 31.77
CA LEU B 247 9.33 14.61 33.07
C LEU B 247 8.95 13.23 33.59
N ALA B 248 8.39 12.38 32.71
CA ALA B 248 8.02 11.03 33.09
C ALA B 248 9.23 10.24 33.58
N SER B 249 10.34 10.31 32.83
CA SER B 249 11.56 9.60 33.20
C SER B 249 12.05 10.04 34.57
N LEU B 250 12.09 11.36 34.80
CA LEU B 250 12.55 11.89 36.08
C LEU B 250 11.67 11.44 37.23
N LYS B 251 10.36 11.43 37.02
CA LYS B 251 9.48 10.88 38.05
C LYS B 251 9.86 9.43 38.35
N ILE B 252 10.02 8.61 37.30
CA ILE B 252 10.27 7.18 37.50
C ILE B 252 11.53 6.95 38.32
N ILE B 253 12.56 7.75 38.09
CA ILE B 253 13.85 7.55 38.75
C ILE B 253 13.97 8.46 39.96
N GLY B 254 12.84 9.05 40.38
CA GLY B 254 12.83 9.93 41.53
C GLY B 254 13.83 11.06 41.50
N ARG B 255 14.01 11.71 40.35
CA ARG B 255 14.82 12.92 40.31
C ARG B 255 14.02 14.11 39.79
N LEU B 256 12.74 14.15 40.14
CA LEU B 256 11.89 15.22 39.61
C LEU B 256 12.19 16.58 40.25
N HIS B 257 12.81 16.60 41.43
CA HIS B 257 13.21 17.85 42.06
C HIS B 257 14.44 18.46 41.41
N TRP B 258 14.96 17.85 40.34
CA TRP B 258 16.13 18.41 39.69
C TRP B 258 15.78 19.36 38.54
N ILE B 259 14.50 19.50 38.19
CA ILE B 259 14.07 20.54 37.28
C ILE B 259 13.17 21.51 38.02
N ASP B 260 12.95 22.67 37.41
CA ASP B 260 12.08 23.72 37.92
C ASP B 260 10.67 23.43 37.41
N ARG B 261 9.88 22.73 38.23
CA ARG B 261 8.52 22.33 37.87
C ARG B 261 7.61 23.52 37.52
N GLU B 262 7.79 24.66 38.18
CA GLU B 262 6.93 25.80 37.93
C GLU B 262 7.15 26.35 36.52
N LYS B 263 8.41 26.58 36.13
CA LYS B 263 8.69 27.11 34.79
C LYS B 263 8.23 26.14 33.71
N LEU B 264 8.36 24.84 33.94
CA LEU B 264 7.89 23.86 32.99
C LEU B 264 6.37 23.88 32.90
N ARG B 265 5.69 24.02 34.03
CA ARG B 265 4.25 24.15 34.01
C ARG B 265 3.83 25.36 33.20
N ASN B 266 4.54 26.47 33.34
CA ASN B 266 4.22 27.65 32.57
C ASN B 266 4.46 27.42 31.09
N PHE B 267 5.51 26.65 30.77
CA PHE B 267 5.78 26.35 29.37
C PHE B 267 4.67 25.51 28.75
N ILE B 268 4.29 24.42 29.42
CA ILE B 268 3.22 23.57 28.88
C ILE B 268 1.93 24.36 28.78
N LEU B 269 1.58 25.12 29.82
CA LEU B 269 0.36 25.92 29.75
C LEU B 269 0.41 26.92 28.60
N ALA B 270 1.59 27.48 28.32
CA ALA B 270 1.73 28.43 27.22
C ALA B 270 1.50 27.78 25.86
N CYS B 271 1.48 26.45 25.78
CA CYS B 271 1.28 25.74 24.53
C CYS B 271 -0.19 25.48 24.21
N GLN B 272 -1.11 25.93 25.04
CA GLN B 272 -2.52 25.81 24.74
C GLN B 272 -2.93 26.88 23.73
N ASP B 273 -3.85 26.51 22.84
CA ASP B 273 -4.56 27.48 22.01
C ASP B 273 -5.81 27.94 22.76
N GLU B 274 -5.90 29.25 23.03
CA GLU B 274 -7.04 29.76 23.80
C GLU B 274 -8.33 29.73 23.01
N GLU B 275 -8.27 29.62 21.69
CA GLU B 275 -9.49 29.70 20.90
C GLU B 275 -10.03 28.33 20.57
N THR B 276 -9.15 27.41 20.14
CA THR B 276 -9.50 26.09 19.62
C THR B 276 -9.44 24.95 20.64
N GLY B 277 -8.69 25.12 21.73
CA GLY B 277 -8.26 23.98 22.51
C GLY B 277 -7.09 23.28 21.82
N GLY B 278 -6.56 22.28 22.52
CA GLY B 278 -5.40 21.57 22.01
C GLY B 278 -4.11 22.22 22.44
N PHE B 279 -3.05 21.42 22.48
CA PHE B 279 -1.69 21.89 22.73
C PHE B 279 -0.88 21.81 21.43
N ALA B 280 0.02 22.75 21.24
CA ALA B 280 1.02 22.67 20.18
C ALA B 280 2.32 22.13 20.78
N ASP B 281 3.23 21.71 19.90
CA ASP B 281 4.54 21.31 20.38
C ASP B 281 5.21 22.44 21.16
N ARG B 282 4.90 23.68 20.80
CA ARG B 282 5.58 24.89 21.25
C ARG B 282 4.61 26.04 21.11
N PRO B 283 4.68 27.05 21.97
CA PRO B 283 3.79 28.22 21.81
C PRO B 283 3.93 28.82 20.42
N GLY B 284 2.80 29.20 19.83
CA GLY B 284 2.77 29.77 18.50
C GLY B 284 2.42 28.76 17.43
N ASP B 285 2.78 27.50 17.63
CA ASP B 285 2.59 26.49 16.59
C ASP B 285 1.17 25.93 16.63
N MET B 286 0.86 25.10 15.65
CA MET B 286 -0.46 24.51 15.55
C MET B 286 -0.58 23.28 16.47
N VAL B 287 -1.75 23.13 17.04
CA VAL B 287 -2.06 22.05 17.98
C VAL B 287 -2.34 20.75 17.23
N ASP B 288 -2.16 19.64 17.92
CA ASP B 288 -2.58 18.34 17.42
C ASP B 288 -2.90 17.45 18.61
N PRO B 289 -3.58 16.33 18.39
CA PRO B 289 -3.96 15.46 19.52
C PRO B 289 -2.78 14.84 20.26
N PHE B 290 -1.69 14.59 19.54
CA PHE B 290 -0.46 14.06 20.12
C PHE B 290 0.08 14.95 21.25
N HIS B 291 0.29 16.22 20.95
CA HIS B 291 0.77 17.10 21.98
C HIS B 291 -0.31 17.45 22.99
N THR B 292 -1.59 17.35 22.59
CA THR B 292 -2.65 17.54 23.56
C THR B 292 -2.55 16.52 24.69
N LEU B 293 -2.36 15.24 24.34
CA LEU B 293 -2.17 14.21 25.36
C LEU B 293 -0.97 14.53 26.24
N PHE B 294 0.20 14.78 25.65
CA PHE B 294 1.40 14.95 26.45
C PHE B 294 1.39 16.24 27.26
N GLY B 295 0.76 17.32 26.76
CA GLY B 295 0.58 18.50 27.57
C GLY B 295 -0.26 18.22 28.81
N ILE B 296 -1.42 17.57 28.62
CA ILE B 296 -2.30 17.32 29.75
C ILE B 296 -1.67 16.30 30.68
N ALA B 297 -1.06 15.26 30.13
CA ALA B 297 -0.39 14.27 30.96
C ALA B 297 0.73 14.91 31.78
N GLY B 298 1.53 15.78 31.15
CA GLY B 298 2.59 16.44 31.90
C GLY B 298 2.06 17.30 33.03
N LEU B 299 0.95 18.02 32.78
CA LEU B 299 0.37 18.86 33.82
C LEU B 299 -0.20 18.03 34.96
N SER B 300 -0.84 16.89 34.65
CA SER B 300 -1.28 15.99 35.70
C SER B 300 -0.10 15.56 36.57
N LEU B 301 1.03 15.29 35.93
CA LEU B 301 2.22 14.87 36.67
C LEU B 301 2.79 16.00 37.52
N LEU B 302 2.70 17.25 37.06
CA LEU B 302 3.16 18.38 37.86
C LEU B 302 2.17 18.81 38.94
N GLY B 303 0.96 18.24 38.98
CA GLY B 303 0.05 18.49 40.07
C GLY B 303 -1.25 19.21 39.74
N GLU B 304 -1.63 19.23 38.48
CA GLU B 304 -2.90 19.84 38.09
C GLU B 304 -4.03 18.95 38.58
N GLU B 305 -4.80 19.43 39.57
CA GLU B 305 -5.81 18.59 40.20
C GLU B 305 -7.11 18.45 39.39
N GLN B 306 -7.34 19.27 38.36
CA GLN B 306 -8.48 19.02 37.48
C GLN B 306 -8.32 17.76 36.63
N ILE B 307 -7.09 17.26 36.49
CA ILE B 307 -6.78 16.11 35.66
C ILE B 307 -6.58 14.91 36.56
N LYS B 308 -7.13 13.77 36.17
CA LYS B 308 -6.83 12.51 36.83
C LYS B 308 -5.33 12.29 36.90
N PRO B 309 -4.82 11.69 37.97
CA PRO B 309 -3.39 11.35 38.01
C PRO B 309 -3.06 10.39 36.88
N VAL B 310 -1.87 10.58 36.28
CA VAL B 310 -1.44 9.81 35.12
C VAL B 310 -0.31 8.88 35.54
N ASN B 311 -0.28 7.69 34.96
CA ASN B 311 0.88 6.84 35.21
C ASN B 311 2.04 7.23 34.31
N PRO B 312 3.24 7.44 34.85
CA PRO B 312 4.36 7.89 34.00
C PRO B 312 4.87 6.84 33.06
N VAL B 313 4.74 5.56 33.41
CA VAL B 313 5.27 4.52 32.53
C VAL B 313 4.32 4.30 31.34
N PHE B 314 3.03 4.23 31.61
CA PHE B 314 2.06 3.73 30.64
C PHE B 314 1.27 4.83 29.95
N CYS B 315 1.43 6.08 30.41
CA CYS B 315 0.66 7.22 29.92
C CYS B 315 -0.84 6.93 29.89
N MET B 316 -1.35 6.50 31.03
CA MET B 316 -2.76 6.19 31.24
C MET B 316 -3.14 6.69 32.63
N PRO B 317 -4.44 6.89 32.88
CA PRO B 317 -4.88 7.23 34.25
C PRO B 317 -4.48 6.15 35.24
N GLU B 318 -3.84 6.57 36.33
CA GLU B 318 -3.45 5.63 37.39
C GLU B 318 -4.62 4.75 37.85
N GLU B 319 -5.84 5.29 37.84
CA GLU B 319 -7.02 4.51 38.18
C GLU B 319 -7.21 3.31 37.26
N VAL B 320 -6.87 3.45 35.98
CA VAL B 320 -6.99 2.34 35.05
C VAL B 320 -5.95 1.24 35.32
N LEU B 321 -4.76 1.61 35.80
CA LEU B 321 -3.77 0.59 36.14
C LEU B 321 -4.01 -0.07 37.49
N GLN B 322 -4.68 0.62 38.42
CA GLN B 322 -5.05 0.00 39.69
C GLN B 322 -6.06 -1.10 39.47
N ARG B 323 -7.06 -0.84 38.62
CA ARG B 323 -8.02 -1.83 38.14
C ARG B 323 -7.30 -3.04 37.53
N VAL B 324 -6.14 -2.81 36.90
CA VAL B 324 -5.37 -3.92 36.35
C VAL B 324 -4.63 -4.64 37.45
N ASN B 325 -3.99 -3.90 38.35
CA ASN B 325 -3.10 -4.49 39.33
C ASN B 325 -3.83 -5.19 40.47
N VAL B 326 -5.12 -4.92 40.64
CA VAL B 326 -5.95 -5.60 41.64
C VAL B 326 -6.79 -6.67 40.91
N GLN B 327 -6.26 -7.91 40.83
CA GLN B 327 -6.96 -8.96 40.10
C GLN B 327 -6.50 -10.37 40.52
N PRO B 328 -6.71 -11.45 39.68
CA PRO B 328 -5.93 -12.68 39.88
C PRO B 328 -4.52 -12.39 40.36
N GLU B 329 -3.74 -11.73 39.49
CA GLU B 329 -2.64 -10.85 39.88
C GLU B 329 -2.72 -10.43 41.34
N GLY C 10 -41.30 -17.26 3.26
CA GLY C 10 -40.51 -16.14 2.78
C GLY C 10 -40.83 -15.72 1.36
N LEU C 11 -40.97 -14.41 1.12
CA LEU C 11 -41.22 -13.88 -0.22
C LEU C 11 -40.23 -14.44 -1.23
N ILE C 12 -38.94 -14.38 -0.90
CA ILE C 12 -37.85 -14.92 -1.72
C ILE C 12 -38.22 -16.28 -2.34
N ASN C 13 -38.77 -17.18 -1.52
CA ASN C 13 -39.07 -18.51 -2.03
C ASN C 13 -40.35 -18.51 -2.84
N LYS C 14 -41.27 -17.60 -2.55
CA LYS C 14 -42.52 -17.59 -3.29
C LYS C 14 -42.36 -16.94 -4.66
N LYS C 15 -41.56 -15.87 -4.76
CA LYS C 15 -41.47 -15.15 -6.02
C LYS C 15 -40.34 -15.64 -6.93
N LEU C 16 -39.22 -16.18 -6.36
CA LEU C 16 -38.06 -16.57 -7.17
C LEU C 16 -38.01 -18.07 -7.37
N PRO C 17 -37.90 -18.56 -8.60
CA PRO C 17 -37.76 -20.00 -8.82
C PRO C 17 -36.32 -20.47 -8.63
N LYS C 18 -36.18 -21.79 -8.42
CA LYS C 18 -34.89 -22.41 -8.14
C LYS C 18 -33.77 -21.90 -9.06
N GLU C 19 -34.04 -21.88 -10.37
CA GLU C 19 -33.06 -21.40 -11.34
C GLU C 19 -32.49 -20.05 -10.92
N LEU C 20 -33.36 -19.14 -10.48
CA LEU C 20 -32.87 -17.83 -10.06
C LEU C 20 -32.24 -17.88 -8.67
N LEU C 21 -32.78 -18.69 -7.75
CA LEU C 21 -32.18 -18.81 -6.43
C LEU C 21 -30.75 -19.33 -6.52
N LEU C 22 -30.51 -20.30 -7.39
CA LEU C 22 -29.15 -20.79 -7.59
C LEU C 22 -28.24 -19.71 -8.16
N ARG C 23 -28.78 -18.83 -9.00
CA ARG C 23 -27.97 -17.72 -9.51
C ARG C 23 -27.52 -16.82 -8.37
N ILE C 24 -28.41 -16.54 -7.41
CA ILE C 24 -28.04 -15.80 -6.20
C ILE C 24 -26.91 -16.52 -5.48
N PHE C 25 -27.11 -17.81 -5.21
CA PHE C 25 -26.12 -18.54 -4.42
C PHE C 25 -24.80 -18.66 -5.17
N SER C 26 -24.86 -18.65 -6.51
CA SER C 26 -23.67 -18.75 -7.33
C SER C 26 -22.70 -17.60 -7.09
N PHE C 27 -23.15 -16.51 -6.47
CA PHE C 27 -22.27 -15.42 -6.05
C PHE C 27 -21.79 -15.55 -4.62
N LEU C 28 -22.02 -16.68 -3.93
CA LEU C 28 -21.74 -16.77 -2.50
C LEU C 28 -20.44 -17.52 -2.22
N ASP C 29 -19.67 -17.00 -1.25
CA ASP C 29 -18.50 -17.70 -0.70
C ASP C 29 -18.89 -19.08 -0.21
N ILE C 30 -17.90 -19.91 0.12
CA ILE C 30 -18.24 -21.20 0.69
C ILE C 30 -18.74 -21.08 2.13
N VAL C 31 -18.25 -20.10 2.89
CA VAL C 31 -18.71 -19.93 4.27
C VAL C 31 -20.20 -19.55 4.28
N THR C 32 -20.57 -18.56 3.46
CA THR C 32 -21.97 -18.14 3.41
C THR C 32 -22.85 -19.24 2.85
N LEU C 33 -22.35 -19.99 1.88
CA LEU C 33 -23.09 -21.13 1.33
C LEU C 33 -23.35 -22.22 2.37
N CYS C 34 -22.48 -22.36 3.37
CA CYS C 34 -22.70 -23.36 4.40
C CYS C 34 -23.73 -22.91 5.44
N ARG C 35 -23.88 -21.61 5.63
CA ARG C 35 -24.86 -21.08 6.56
C ARG C 35 -26.27 -21.15 5.98
N CYS C 36 -26.41 -20.89 4.68
CA CYS C 36 -27.69 -21.10 4.00
C CYS C 36 -28.13 -22.54 4.06
N ALA C 37 -27.18 -23.48 4.09
CA ALA C 37 -27.53 -24.88 4.29
C ALA C 37 -28.23 -25.12 5.61
N GLN C 38 -28.10 -24.19 6.56
CA GLN C 38 -28.73 -24.29 7.88
C GLN C 38 -30.03 -23.50 7.98
N ILE C 39 -30.58 -23.00 6.88
CA ILE C 39 -31.75 -22.13 6.96
C ILE C 39 -33.06 -22.92 6.93
N SER C 40 -33.15 -23.95 6.08
CA SER C 40 -34.42 -24.62 5.82
C SER C 40 -34.10 -25.89 5.05
N LYS C 41 -35.14 -26.69 4.83
CA LYS C 41 -34.94 -27.87 4.01
C LYS C 41 -34.87 -27.51 2.53
N ALA C 42 -35.60 -26.46 2.13
CA ALA C 42 -35.43 -25.96 0.78
C ALA C 42 -34.04 -25.35 0.60
N TRP C 43 -33.64 -24.50 1.54
CA TRP C 43 -32.37 -23.83 1.38
C TRP C 43 -31.21 -24.77 1.59
N ASN C 44 -31.44 -25.89 2.25
CA ASN C 44 -30.40 -26.90 2.33
C ASN C 44 -30.16 -27.55 0.96
N ILE C 45 -31.20 -28.08 0.32
CA ILE C 45 -31.02 -28.66 -1.01
C ILE C 45 -30.43 -27.63 -1.98
N LEU C 46 -30.75 -26.35 -1.78
CA LEU C 46 -30.22 -25.33 -2.68
C LEU C 46 -28.75 -25.04 -2.40
N ALA C 47 -28.38 -24.95 -1.11
CA ALA C 47 -27.02 -24.57 -0.75
C ALA C 47 -26.01 -25.60 -1.20
N LEU C 48 -26.42 -26.86 -1.30
CA LEU C 48 -25.52 -27.96 -1.62
C LEU C 48 -25.70 -28.48 -3.05
N ASP C 49 -26.48 -27.80 -3.88
CA ASP C 49 -26.63 -28.22 -5.26
C ASP C 49 -25.29 -28.18 -5.99
N GLY C 50 -25.13 -29.09 -6.95
CA GLY C 50 -23.85 -29.24 -7.63
C GLY C 50 -23.32 -27.95 -8.20
N SER C 51 -24.17 -27.22 -8.93
CA SER C 51 -23.72 -26.03 -9.65
C SER C 51 -23.07 -24.98 -8.75
N ASN C 52 -23.27 -25.06 -7.42
CA ASN C 52 -22.65 -24.14 -6.47
C ASN C 52 -21.28 -24.58 -6.00
N TRP C 53 -20.82 -25.77 -6.41
CA TRP C 53 -19.52 -26.28 -6.01
C TRP C 53 -18.62 -26.50 -7.21
N GLN C 54 -19.14 -26.24 -8.41
CA GLN C 54 -18.44 -25.98 -9.68
C GLN C 54 -17.13 -25.17 -9.63
N ARG C 55 -17.23 -23.89 -9.26
CA ARG C 55 -16.07 -23.00 -9.10
C ARG C 55 -15.93 -22.55 -7.64
N ILE C 56 -14.70 -22.53 -7.12
CA ILE C 56 -14.41 -21.85 -5.87
C ILE C 56 -13.39 -20.77 -6.14
N ASP C 57 -13.69 -19.54 -5.69
CA ASP C 57 -12.73 -18.44 -5.54
C ASP C 57 -12.56 -18.20 -4.05
N LEU C 58 -11.39 -18.53 -3.52
CA LEU C 58 -11.09 -18.30 -2.11
C LEU C 58 -10.75 -16.83 -1.83
N PHE C 59 -11.46 -16.20 -0.89
CA PHE C 59 -11.17 -14.84 -0.42
C PHE C 59 -10.98 -14.84 1.11
N ASN C 60 -10.01 -15.63 1.58
CA ASN C 60 -9.91 -16.04 2.99
C ASN C 60 -8.67 -15.48 3.69
N PHE C 61 -8.35 -16.08 4.83
CA PHE C 61 -7.20 -15.74 5.68
C PHE C 61 -6.08 -16.75 5.43
N GLN C 62 -4.83 -16.29 5.58
CA GLN C 62 -3.69 -17.11 5.17
C GLN C 62 -3.56 -18.37 6.02
N THR C 63 -3.34 -18.19 7.33
CA THR C 63 -3.16 -19.28 8.27
C THR C 63 -4.19 -20.39 8.09
N GLY C 67 -5.46 -22.75 2.76
CA GLY C 67 -4.54 -23.62 3.49
C GLY C 67 -5.14 -24.99 3.76
N ARG C 68 -5.50 -25.24 5.02
CA ARG C 68 -6.37 -26.38 5.33
C ARG C 68 -7.74 -26.25 4.65
N VAL C 69 -8.16 -25.02 4.34
CA VAL C 69 -9.41 -24.83 3.60
C VAL C 69 -9.36 -25.57 2.27
N VAL C 70 -8.39 -25.22 1.40
CA VAL C 70 -8.16 -25.91 0.13
C VAL C 70 -8.18 -27.43 0.31
N GLU C 71 -7.64 -27.93 1.41
CA GLU C 71 -7.69 -29.37 1.66
C GLU C 71 -9.07 -29.83 2.09
N ASN C 72 -9.77 -29.02 2.90
CA ASN C 72 -11.13 -29.37 3.29
C ASN C 72 -12.13 -29.24 2.15
N ILE C 73 -11.93 -28.28 1.25
CA ILE C 73 -12.78 -28.22 0.07
C ILE C 73 -12.53 -29.44 -0.80
N SER C 74 -11.27 -29.87 -0.85
CA SER C 74 -10.91 -31.00 -1.68
C SER C 74 -11.70 -32.24 -1.28
N LYS C 75 -12.08 -32.34 -0.01
CA LYS C 75 -12.85 -33.49 0.43
C LYS C 75 -14.35 -33.25 0.29
N ARG C 76 -14.85 -32.11 0.78
CA ARG C 76 -16.29 -31.85 0.69
C ARG C 76 -16.76 -31.83 -0.77
N CYS C 77 -16.02 -31.14 -1.63
CA CYS C 77 -16.30 -31.18 -3.07
C CYS C 77 -15.71 -32.43 -3.71
N GLY C 78 -14.41 -32.41 -3.93
CA GLY C 78 -13.76 -33.51 -4.60
C GLY C 78 -14.16 -33.56 -6.06
N GLY C 79 -14.96 -34.57 -6.40
CA GLY C 79 -15.21 -34.95 -7.77
C GLY C 79 -15.77 -33.86 -8.67
N PHE C 80 -16.44 -32.88 -8.10
CA PHE C 80 -17.05 -31.84 -8.91
C PHE C 80 -16.31 -30.51 -8.86
N LEU C 81 -15.18 -30.40 -8.19
CA LEU C 81 -14.44 -29.17 -8.36
C LEU C 81 -13.93 -29.08 -9.80
N ARG C 82 -14.36 -28.05 -10.52
CA ARG C 82 -13.94 -27.83 -11.89
C ARG C 82 -13.05 -26.61 -12.08
N LYS C 83 -13.30 -25.53 -11.32
CA LYS C 83 -12.51 -24.31 -11.39
C LYS C 83 -12.14 -23.93 -9.98
N LEU C 84 -10.87 -23.66 -9.76
CA LEU C 84 -10.35 -23.30 -8.44
C LEU C 84 -9.43 -22.11 -8.60
N SER C 85 -9.81 -20.98 -8.03
CA SER C 85 -8.97 -19.80 -8.02
C SER C 85 -8.34 -19.66 -6.64
N LEU C 86 -7.02 -19.50 -6.62
CA LEU C 86 -6.28 -19.26 -5.40
C LEU C 86 -5.43 -18.00 -5.52
N ARG C 87 -5.85 -17.08 -6.37
CA ARG C 87 -5.08 -15.86 -6.65
C ARG C 87 -4.81 -15.09 -5.36
N GLY C 88 -3.53 -14.89 -5.08
CA GLY C 88 -3.08 -14.15 -3.94
C GLY C 88 -3.14 -14.90 -2.64
N CYS C 89 -3.53 -16.18 -2.65
CA CYS C 89 -3.49 -17.00 -1.44
C CYS C 89 -2.05 -17.45 -1.19
N ILE C 90 -1.24 -16.53 -0.67
CA ILE C 90 0.15 -16.86 -0.30
C ILE C 90 0.18 -17.93 0.81
N GLY C 91 -0.93 -18.14 1.52
CA GLY C 91 -0.96 -19.21 2.50
C GLY C 91 -0.59 -20.58 1.93
N VAL C 92 -1.06 -20.87 0.71
CA VAL C 92 -0.97 -22.24 0.19
C VAL C 92 0.45 -22.57 -0.27
N GLY C 93 0.91 -23.76 0.08
CA GLY C 93 2.15 -24.31 -0.44
C GLY C 93 1.90 -25.68 -1.03
N ASP C 94 2.98 -26.40 -1.37
CA ASP C 94 2.83 -27.65 -2.11
C ASP C 94 1.96 -28.66 -1.38
N SER C 95 1.97 -28.62 -0.05
CA SER C 95 1.28 -29.66 0.71
C SER C 95 -0.23 -29.59 0.50
N SER C 96 -0.81 -28.39 0.64
CA SER C 96 -2.24 -28.23 0.41
C SER C 96 -2.60 -28.62 -1.02
N LEU C 97 -1.80 -28.19 -1.98
CA LEU C 97 -2.16 -28.43 -3.38
C LEU C 97 -1.96 -29.89 -3.77
N LYS C 98 -1.03 -30.61 -3.14
CA LYS C 98 -1.03 -32.06 -3.33
C LYS C 98 -2.35 -32.66 -2.90
N THR C 99 -2.76 -32.38 -1.66
CA THR C 99 -4.00 -32.94 -1.14
C THR C 99 -5.17 -32.59 -2.05
N PHE C 100 -5.30 -31.32 -2.42
CA PHE C 100 -6.39 -30.92 -3.30
C PHE C 100 -6.32 -31.65 -4.63
N ALA C 101 -5.12 -31.81 -5.17
CA ALA C 101 -4.96 -32.43 -6.48
C ALA C 101 -5.41 -33.90 -6.45
N GLN C 102 -4.98 -34.66 -5.44
CA GLN C 102 -5.34 -36.08 -5.43
C GLN C 102 -6.83 -36.29 -5.20
N ASN C 103 -7.51 -35.29 -4.62
CA ASN C 103 -8.94 -35.32 -4.37
C ASN C 103 -9.80 -34.71 -5.47
N CYS C 104 -9.21 -33.89 -6.36
CA CYS C 104 -9.97 -33.14 -7.35
C CYS C 104 -9.32 -33.40 -8.71
N ARG C 105 -9.58 -34.59 -9.23
CA ARG C 105 -8.97 -35.01 -10.49
C ARG C 105 -9.66 -34.40 -11.70
N ASN C 106 -10.93 -33.98 -11.58
CA ASN C 106 -11.65 -33.38 -12.69
C ASN C 106 -11.42 -31.87 -12.82
N ILE C 107 -10.41 -31.30 -12.16
CA ILE C 107 -10.26 -29.86 -12.22
C ILE C 107 -9.83 -29.43 -13.63
N GLU C 108 -10.51 -28.44 -14.18
CA GLU C 108 -10.20 -27.95 -15.52
C GLU C 108 -9.52 -26.59 -15.52
N HIS C 109 -9.55 -25.87 -14.40
CA HIS C 109 -9.13 -24.48 -14.33
C HIS C 109 -8.48 -24.30 -12.95
N LEU C 110 -7.18 -23.99 -12.93
CA LEU C 110 -6.46 -23.74 -11.70
C LEU C 110 -5.74 -22.41 -11.82
N ASN C 111 -6.02 -21.50 -10.89
CA ASN C 111 -5.39 -20.18 -10.86
C ASN C 111 -4.53 -20.06 -9.61
N LEU C 112 -3.20 -20.10 -9.79
CA LEU C 112 -2.27 -19.98 -8.68
C LEU C 112 -1.54 -18.64 -8.70
N ASN C 113 -2.13 -17.62 -9.30
CA ASN C 113 -1.52 -16.30 -9.43
C ASN C 113 -1.03 -15.78 -8.08
N GLY C 114 0.26 -15.50 -7.98
CA GLY C 114 0.83 -14.96 -6.77
C GLY C 114 1.09 -15.95 -5.66
N CYS C 115 0.78 -17.23 -5.84
CA CYS C 115 1.07 -18.20 -4.78
C CYS C 115 2.57 -18.48 -4.76
N THR C 116 3.29 -17.75 -3.93
CA THR C 116 4.74 -17.62 -4.00
C THR C 116 5.48 -18.82 -3.41
N LYS C 117 4.84 -19.60 -2.53
CA LYS C 117 5.51 -20.72 -1.88
C LYS C 117 5.34 -22.02 -2.69
N ILE C 118 4.90 -21.92 -3.93
CA ILE C 118 4.63 -23.05 -4.80
C ILE C 118 5.92 -23.48 -5.46
N THR C 119 6.17 -24.77 -5.46
CA THR C 119 7.41 -25.38 -5.94
C THR C 119 7.12 -26.19 -7.20
N ASP C 120 8.19 -26.67 -7.86
CA ASP C 120 8.03 -27.72 -8.86
C ASP C 120 7.16 -28.85 -8.33
N SER C 121 7.18 -29.07 -7.01
CA SER C 121 6.43 -30.17 -6.43
C SER C 121 4.94 -30.12 -6.78
N THR C 122 4.33 -28.91 -6.88
CA THR C 122 2.89 -28.96 -7.16
C THR C 122 2.59 -29.22 -8.63
N CYS C 123 3.42 -28.72 -9.57
CA CYS C 123 3.22 -29.11 -10.96
C CYS C 123 3.41 -30.60 -11.16
N TYR C 124 4.18 -31.27 -10.30
CA TYR C 124 4.26 -32.72 -10.38
C TYR C 124 2.98 -33.36 -9.88
N SER C 125 2.44 -32.87 -8.77
CA SER C 125 1.13 -33.32 -8.32
C SER C 125 0.08 -33.08 -9.40
N LEU C 126 0.12 -31.91 -10.05
CA LEU C 126 -0.86 -31.61 -11.09
C LEU C 126 -0.71 -32.56 -12.26
N SER C 127 0.53 -32.89 -12.61
CA SER C 127 0.78 -33.85 -13.68
C SER C 127 0.22 -35.23 -13.32
N ARG C 128 0.47 -35.68 -12.08
CA ARG C 128 -0.03 -36.99 -11.67
C ARG C 128 -1.55 -37.04 -11.59
N PHE C 129 -2.18 -35.98 -11.07
CA PHE C 129 -3.58 -36.11 -10.66
C PHE C 129 -4.57 -35.23 -11.41
N CYS C 130 -4.13 -34.35 -12.30
CA CYS C 130 -5.02 -33.36 -12.91
C CYS C 130 -4.83 -33.32 -14.42
N SER C 131 -5.05 -34.46 -15.05
CA SER C 131 -4.91 -34.58 -16.50
C SER C 131 -6.07 -33.97 -17.27
N LYS C 132 -6.98 -33.27 -16.61
CA LYS C 132 -8.06 -32.60 -17.32
C LYS C 132 -7.91 -31.08 -17.30
N LEU C 133 -6.80 -30.58 -16.77
CA LEU C 133 -6.50 -29.15 -16.79
C LEU C 133 -6.55 -28.59 -18.20
N LYS C 134 -7.32 -27.53 -18.38
CA LYS C 134 -7.24 -26.78 -19.62
C LYS C 134 -6.71 -25.38 -19.39
N HIS C 135 -6.60 -24.98 -18.14
CA HIS C 135 -6.32 -23.59 -17.78
C HIS C 135 -5.48 -23.64 -16.51
N LEU C 136 -4.21 -23.28 -16.66
CA LEU C 136 -3.26 -23.17 -15.55
C LEU C 136 -2.73 -21.75 -15.55
N ASP C 137 -2.90 -21.06 -14.45
CA ASP C 137 -2.37 -19.72 -14.26
C ASP C 137 -1.27 -19.80 -13.21
N LEU C 138 -0.05 -19.46 -13.61
CA LEU C 138 1.11 -19.55 -12.73
C LEU C 138 1.77 -18.21 -12.51
N THR C 139 1.11 -17.11 -12.91
CA THR C 139 1.60 -15.75 -12.72
C THR C 139 2.27 -15.58 -11.37
N SER C 140 3.53 -15.15 -11.41
CA SER C 140 4.31 -14.77 -10.24
C SER C 140 4.62 -15.93 -9.32
N CYS C 141 4.51 -17.16 -9.80
CA CYS C 141 4.98 -18.30 -9.03
C CYS C 141 6.48 -18.44 -9.31
N VAL C 142 7.25 -17.63 -8.58
CA VAL C 142 8.67 -17.38 -8.87
C VAL C 142 9.56 -18.59 -8.59
N SER C 143 9.17 -19.49 -7.69
CA SER C 143 9.93 -20.69 -7.34
C SER C 143 9.73 -21.84 -8.33
N ILE C 144 9.01 -21.60 -9.40
CA ILE C 144 8.78 -22.60 -10.43
C ILE C 144 9.96 -22.61 -11.39
N THR C 145 10.50 -23.78 -11.66
CA THR C 145 11.57 -23.92 -12.66
C THR C 145 11.06 -24.59 -13.93
N ASN C 146 11.99 -24.68 -14.90
CA ASN C 146 11.80 -25.46 -16.11
C ASN C 146 11.24 -26.85 -15.83
N SER C 147 11.64 -27.49 -14.72
CA SER C 147 11.16 -28.84 -14.43
C SER C 147 9.63 -28.89 -14.33
N SER C 148 9.02 -27.85 -13.76
CA SER C 148 7.56 -27.77 -13.72
C SER C 148 6.95 -27.84 -15.11
N LEU C 149 7.60 -27.23 -16.11
CA LEU C 149 7.02 -27.28 -17.43
C LEU C 149 7.17 -28.67 -18.03
N LYS C 150 8.19 -29.42 -17.60
CA LYS C 150 8.35 -30.79 -18.05
C LYS C 150 7.25 -31.67 -17.47
N GLY C 151 6.98 -31.54 -16.17
CA GLY C 151 5.90 -32.31 -15.58
C GLY C 151 4.54 -31.96 -16.17
N ILE C 152 4.27 -30.68 -16.36
CA ILE C 152 3.00 -30.27 -16.94
C ILE C 152 2.86 -30.83 -18.36
N SER C 153 3.98 -30.85 -19.11
CA SER C 153 3.96 -31.38 -20.48
C SER C 153 3.68 -32.87 -20.52
N GLU C 154 3.98 -33.59 -19.44
CA GLU C 154 3.70 -35.02 -19.42
C GLU C 154 2.26 -35.30 -19.02
N GLY C 155 1.80 -34.76 -17.89
CA GLY C 155 0.48 -35.06 -17.37
C GLY C 155 -0.65 -34.11 -17.71
N CYS C 156 -0.38 -32.98 -18.38
CA CYS C 156 -1.41 -31.96 -18.61
C CYS C 156 -1.47 -31.56 -20.09
N ARG C 157 -1.55 -32.57 -20.95
CA ARG C 157 -1.36 -32.38 -22.39
C ARG C 157 -2.57 -31.74 -23.06
N ASN C 158 -3.73 -31.72 -22.42
CA ASN C 158 -4.88 -31.01 -22.97
C ASN C 158 -4.94 -29.54 -22.55
N LEU C 159 -3.93 -29.04 -21.85
CA LEU C 159 -3.82 -27.62 -21.52
C LEU C 159 -4.14 -26.71 -22.70
N GLU C 160 -5.13 -25.85 -22.57
CA GLU C 160 -5.40 -24.87 -23.61
C GLU C 160 -4.83 -23.49 -23.30
N TYR C 161 -4.64 -23.19 -22.03
CA TYR C 161 -4.24 -21.87 -21.54
C TYR C 161 -3.14 -22.04 -20.50
N LEU C 162 -1.98 -21.46 -20.76
CA LEU C 162 -0.91 -21.45 -19.77
C LEU C 162 -0.40 -20.03 -19.63
N ASN C 163 -0.22 -19.61 -18.38
CA ASN C 163 0.24 -18.27 -18.05
C ASN C 163 1.49 -18.39 -17.18
N LEU C 164 2.64 -18.04 -17.73
CA LEU C 164 3.90 -18.04 -16.98
C LEU C 164 4.38 -16.63 -16.58
N SER C 165 3.50 -15.63 -16.62
CA SER C 165 3.88 -14.24 -16.36
C SER C 165 4.79 -14.09 -15.14
N TRP C 166 5.91 -13.40 -15.34
CA TRP C 166 6.89 -13.09 -14.29
C TRP C 166 7.45 -14.35 -13.63
N CYS C 167 7.43 -15.48 -14.34
CA CYS C 167 8.15 -16.67 -13.91
C CYS C 167 9.53 -16.59 -14.57
N ASP C 168 10.38 -15.77 -13.94
CA ASP C 168 11.58 -15.26 -14.58
C ASP C 168 12.68 -16.29 -14.73
N GLN C 169 12.65 -17.39 -13.98
CA GLN C 169 13.72 -18.37 -14.15
C GLN C 169 13.35 -19.46 -15.18
N ILE C 170 12.27 -19.27 -15.95
CA ILE C 170 11.94 -20.15 -17.07
C ILE C 170 12.80 -19.78 -18.27
N THR C 171 13.36 -20.78 -18.95
CA THR C 171 14.20 -20.57 -20.10
C THR C 171 13.61 -21.30 -21.32
N LYS C 172 14.31 -21.16 -22.45
CA LYS C 172 13.91 -21.83 -23.67
C LYS C 172 13.79 -23.34 -23.49
N ASP C 173 14.58 -23.92 -22.58
CA ASP C 173 14.54 -25.36 -22.38
C ASP C 173 13.26 -25.80 -21.71
N GLY C 174 12.73 -24.99 -20.79
CA GLY C 174 11.43 -25.25 -20.23
C GLY C 174 10.33 -25.08 -21.25
N ILE C 175 10.39 -24.00 -22.02
CA ILE C 175 9.39 -23.77 -23.06
C ILE C 175 9.35 -24.95 -24.02
N GLU C 176 10.53 -25.40 -24.45
CA GLU C 176 10.63 -26.55 -25.34
C GLU C 176 9.94 -27.79 -24.75
N ALA C 177 10.28 -28.16 -23.51
CA ALA C 177 9.60 -29.27 -22.85
C ALA C 177 8.10 -29.04 -22.79
N LEU C 178 7.68 -27.82 -22.46
CA LEU C 178 6.25 -27.56 -22.26
C LEU C 178 5.47 -27.76 -23.56
N VAL C 179 5.90 -27.08 -24.64
CA VAL C 179 5.12 -27.14 -25.87
C VAL C 179 5.27 -28.48 -26.58
N ARG C 180 6.37 -29.21 -26.34
CA ARG C 180 6.53 -30.54 -26.93
C ARG C 180 5.43 -31.48 -26.45
N GLY C 181 4.87 -31.22 -25.27
CA GLY C 181 3.75 -32.01 -24.78
C GLY C 181 2.41 -31.29 -24.90
N CYS C 182 2.41 -29.99 -24.67
CA CYS C 182 1.18 -29.21 -24.74
C CYS C 182 1.08 -28.57 -26.12
N ARG C 183 0.98 -29.45 -27.12
CA ARG C 183 0.81 -29.04 -28.50
C ARG C 183 -0.51 -28.34 -28.75
N GLY C 184 -1.50 -28.51 -27.87
CA GLY C 184 -2.78 -27.91 -28.10
C GLY C 184 -3.02 -26.57 -27.42
N LEU C 185 -1.99 -25.93 -26.87
CA LEU C 185 -2.13 -24.60 -26.26
C LEU C 185 -2.79 -23.63 -27.23
N LYS C 186 -3.84 -22.95 -26.78
CA LYS C 186 -4.42 -21.88 -27.58
C LYS C 186 -4.04 -20.50 -27.09
N ALA C 187 -3.59 -20.39 -25.84
CA ALA C 187 -3.22 -19.11 -25.24
C ALA C 187 -1.98 -19.36 -24.39
N LEU C 188 -0.93 -18.57 -24.63
CA LEU C 188 0.30 -18.70 -23.86
C LEU C 188 0.80 -17.31 -23.49
N LEU C 189 0.92 -17.06 -22.18
CA LEU C 189 1.23 -15.75 -21.63
C LEU C 189 2.59 -15.87 -20.96
N LEU C 190 3.56 -15.11 -21.47
CA LEU C 190 4.96 -15.22 -21.08
C LEU C 190 5.52 -13.90 -20.61
N ARG C 191 4.65 -12.97 -20.19
CA ARG C 191 5.07 -11.62 -19.90
C ARG C 191 6.08 -11.58 -18.77
N GLY C 192 7.15 -10.80 -18.97
CA GLY C 192 8.15 -10.67 -17.94
C GLY C 192 9.05 -11.88 -17.77
N CYS C 193 9.01 -12.81 -18.71
CA CYS C 193 9.95 -13.93 -18.76
C CYS C 193 11.16 -13.48 -19.57
N THR C 194 11.98 -12.64 -18.93
CA THR C 194 13.03 -11.91 -19.64
C THR C 194 14.15 -12.79 -20.16
N GLN C 195 14.27 -14.03 -19.69
CA GLN C 195 15.29 -14.90 -20.28
C GLN C 195 14.87 -15.50 -21.62
N LEU C 196 13.58 -15.42 -21.98
CA LEU C 196 13.15 -16.03 -23.25
C LEU C 196 13.77 -15.30 -24.44
N GLU C 197 14.15 -16.07 -25.45
CA GLU C 197 14.86 -15.53 -26.60
C GLU C 197 14.23 -16.12 -27.86
N ASP C 198 14.94 -16.12 -29.00
CA ASP C 198 14.30 -16.49 -30.25
C ASP C 198 14.13 -18.00 -30.40
N GLU C 199 15.05 -18.77 -29.82
CA GLU C 199 14.94 -20.23 -29.87
C GLU C 199 13.64 -20.68 -29.23
N ALA C 200 13.25 -20.03 -28.11
CA ALA C 200 12.01 -20.39 -27.42
C ALA C 200 10.78 -20.04 -28.26
N LEU C 201 10.83 -18.90 -28.94
CA LEU C 201 9.82 -18.60 -29.94
C LEU C 201 9.77 -19.66 -31.02
N LYS C 202 10.93 -20.22 -31.40
CA LYS C 202 10.92 -21.18 -32.50
C LYS C 202 10.34 -22.52 -32.05
N HIS C 203 10.58 -22.92 -30.80
CA HIS C 203 9.92 -24.10 -30.27
C HIS C 203 8.41 -23.93 -30.24
N ILE C 204 7.94 -22.70 -30.11
CA ILE C 204 6.51 -22.47 -30.00
C ILE C 204 5.83 -22.63 -31.35
N GLN C 205 6.35 -21.95 -32.37
CA GLN C 205 5.82 -22.11 -33.73
C GLN C 205 5.93 -23.54 -34.23
N ASN C 206 6.92 -24.28 -33.76
CA ASN C 206 7.06 -25.69 -34.16
C ASN C 206 5.86 -26.52 -33.71
N TYR C 207 5.37 -26.28 -32.49
CA TYR C 207 4.41 -27.18 -31.87
C TYR C 207 3.05 -26.56 -31.62
N CYS C 208 2.94 -25.25 -31.51
CA CYS C 208 1.68 -24.65 -31.10
C CYS C 208 1.01 -23.97 -32.29
N HIS C 209 0.66 -24.77 -33.30
CA HIS C 209 0.02 -24.23 -34.50
C HIS C 209 -1.41 -23.75 -34.25
N GLU C 210 -2.04 -24.15 -33.15
CA GLU C 210 -3.40 -23.67 -32.88
C GLU C 210 -3.42 -22.47 -31.94
N LEU C 211 -2.28 -21.79 -31.81
CA LEU C 211 -2.12 -20.69 -30.85
C LEU C 211 -2.97 -19.49 -31.26
N VAL C 212 -3.88 -19.11 -30.39
CA VAL C 212 -4.70 -17.93 -30.66
C VAL C 212 -4.13 -16.67 -29.99
N SER C 213 -3.46 -16.83 -28.85
CA SER C 213 -3.08 -15.66 -28.07
C SER C 213 -1.69 -15.84 -27.49
N LEU C 214 -0.83 -14.85 -27.71
CA LEU C 214 0.54 -14.98 -27.28
C LEU C 214 1.00 -13.65 -26.68
N ASN C 215 1.45 -13.69 -25.44
CA ASN C 215 1.91 -12.51 -24.73
C ASN C 215 3.43 -12.60 -24.51
N LEU C 216 4.16 -11.65 -25.09
CA LEU C 216 5.61 -11.60 -24.99
C LEU C 216 6.07 -10.31 -24.31
N GLN C 217 5.19 -9.64 -23.56
CA GLN C 217 5.53 -8.34 -23.03
C GLN C 217 6.77 -8.41 -22.16
N SER C 218 7.67 -7.44 -22.39
CA SER C 218 8.96 -7.30 -21.72
C SER C 218 9.92 -8.44 -22.02
N CYS C 219 9.61 -9.32 -22.96
CA CYS C 219 10.55 -10.33 -23.41
C CYS C 219 11.46 -9.67 -24.43
N SER C 220 12.32 -8.80 -23.94
CA SER C 220 13.06 -7.93 -24.83
C SER C 220 14.30 -8.59 -25.43
N ARG C 221 14.57 -9.86 -25.13
CA ARG C 221 15.61 -10.55 -25.87
C ARG C 221 15.15 -10.93 -27.27
N ILE C 222 13.84 -11.11 -27.49
CA ILE C 222 13.39 -11.64 -28.78
C ILE C 222 13.70 -10.65 -29.89
N THR C 223 13.72 -11.15 -31.13
CA THR C 223 14.04 -10.34 -32.30
C THR C 223 13.10 -10.72 -33.44
N ASP C 224 13.34 -10.13 -34.62
CA ASP C 224 12.53 -10.49 -35.79
C ASP C 224 12.69 -11.97 -36.15
N GLU C 225 13.87 -12.55 -35.92
CA GLU C 225 14.05 -13.98 -36.22
C GLU C 225 13.01 -14.82 -35.52
N GLY C 226 12.78 -14.56 -34.24
CA GLY C 226 11.82 -15.33 -33.49
C GLY C 226 10.39 -14.98 -33.85
N VAL C 227 10.10 -13.68 -33.96
CA VAL C 227 8.71 -13.25 -34.20
C VAL C 227 8.24 -13.70 -35.58
N VAL C 228 9.11 -13.55 -36.60
CA VAL C 228 8.71 -13.96 -37.94
C VAL C 228 8.39 -15.45 -37.96
N GLN C 229 9.22 -16.24 -37.30
CA GLN C 229 8.95 -17.67 -37.18
C GLN C 229 7.59 -17.92 -36.56
N ILE C 230 7.25 -17.20 -35.49
CA ILE C 230 5.97 -17.39 -34.82
C ILE C 230 4.81 -17.16 -35.77
N CYS C 231 4.88 -16.10 -36.58
CA CYS C 231 3.85 -15.88 -37.58
C CYS C 231 3.78 -17.03 -38.57
N ARG C 232 4.95 -17.59 -38.98
CA ARG C 232 4.94 -18.71 -39.92
C ARG C 232 4.28 -19.93 -39.30
N GLY C 233 4.42 -20.12 -38.00
CA GLY C 233 3.98 -21.36 -37.36
C GLY C 233 2.60 -21.26 -36.77
N CYS C 234 2.10 -20.02 -36.53
CA CYS C 234 0.86 -19.77 -35.81
C CYS C 234 -0.08 -18.90 -36.65
N HIS C 235 -0.69 -19.51 -37.66
CA HIS C 235 -1.58 -18.79 -38.57
C HIS C 235 -2.92 -18.44 -37.96
N ARG C 236 -3.25 -18.98 -36.79
CA ARG C 236 -4.52 -18.68 -36.16
C ARG C 236 -4.42 -17.60 -35.09
N LEU C 237 -3.23 -17.01 -34.90
CA LEU C 237 -3.07 -15.94 -33.92
C LEU C 237 -4.15 -14.88 -34.09
N GLN C 238 -4.88 -14.62 -33.00
CA GLN C 238 -5.76 -13.45 -32.92
C GLN C 238 -5.21 -12.34 -32.02
N ALA C 239 -4.42 -12.68 -31.01
CA ALA C 239 -3.95 -11.72 -30.03
C ALA C 239 -2.45 -11.91 -29.80
N LEU C 240 -1.69 -10.82 -29.92
CA LEU C 240 -0.23 -10.89 -29.81
C LEU C 240 0.25 -9.66 -29.04
N CYS C 241 1.04 -9.87 -28.01
CA CYS C 241 1.61 -8.75 -27.27
C CYS C 241 3.13 -8.79 -27.35
N LEU C 242 3.71 -7.69 -27.83
CA LEU C 242 5.15 -7.52 -27.95
C LEU C 242 5.62 -6.20 -27.36
N SER C 243 4.82 -5.61 -26.48
CA SER C 243 5.25 -4.39 -25.82
C SER C 243 6.55 -4.63 -25.07
N GLY C 244 7.45 -3.64 -25.12
CA GLY C 244 8.77 -3.75 -24.54
C GLY C 244 9.78 -4.52 -25.38
N CYS C 245 9.39 -5.11 -26.51
CA CYS C 245 10.33 -5.85 -27.35
C CYS C 245 10.94 -4.88 -28.35
N SER C 246 11.94 -4.14 -27.86
CA SER C 246 12.54 -3.03 -28.63
C SER C 246 13.25 -3.48 -29.89
N ASN C 247 13.69 -4.74 -29.97
CA ASN C 247 14.49 -5.17 -31.11
C ASN C 247 13.67 -5.28 -32.40
N LEU C 248 12.35 -5.35 -32.31
CA LEU C 248 11.52 -5.66 -33.46
C LEU C 248 11.55 -4.55 -34.53
N THR C 249 11.37 -4.96 -35.78
CA THR C 249 11.38 -4.07 -36.93
C THR C 249 10.12 -4.32 -37.77
N ASP C 250 10.00 -3.53 -38.84
CA ASP C 250 8.94 -3.77 -39.81
C ASP C 250 8.93 -5.19 -40.36
N ALA C 251 10.08 -5.89 -40.32
CA ALA C 251 10.13 -7.27 -40.81
C ALA C 251 9.13 -8.16 -40.07
N SER C 252 9.03 -7.99 -38.75
CA SER C 252 8.02 -8.70 -37.97
C SER C 252 6.61 -8.25 -38.36
N LEU C 253 6.47 -6.97 -38.71
CA LEU C 253 5.18 -6.47 -39.19
C LEU C 253 4.83 -7.06 -40.55
N THR C 254 5.81 -7.23 -41.44
CA THR C 254 5.49 -7.85 -42.71
C THR C 254 5.10 -9.31 -42.51
N ALA C 255 5.80 -10.02 -41.62
CA ALA C 255 5.48 -11.43 -41.43
C ALA C 255 4.09 -11.60 -40.83
N LEU C 256 3.69 -10.68 -39.95
CA LEU C 256 2.33 -10.75 -39.41
C LEU C 256 1.29 -10.62 -40.53
N GLY C 257 1.41 -9.56 -41.33
CA GLY C 257 0.48 -9.38 -42.44
C GLY C 257 0.40 -10.61 -43.32
N LEU C 258 1.56 -11.18 -43.66
CA LEU C 258 1.61 -12.29 -44.60
C LEU C 258 0.96 -13.55 -44.04
N ASN C 259 1.00 -13.75 -42.72
CA ASN C 259 0.68 -15.05 -42.14
C ASN C 259 -0.52 -15.08 -41.20
N CYS C 260 -0.97 -13.94 -40.67
CA CYS C 260 -1.95 -13.92 -39.59
C CYS C 260 -3.19 -13.13 -39.97
N PRO C 261 -3.96 -13.60 -40.96
CA PRO C 261 -5.12 -12.81 -41.40
C PRO C 261 -6.22 -12.69 -40.36
N ARG C 262 -6.13 -13.39 -39.23
CA ARG C 262 -7.14 -13.29 -38.19
C ARG C 262 -6.77 -12.32 -37.07
N LEU C 263 -5.61 -11.64 -37.17
CA LEU C 263 -5.13 -10.73 -36.11
C LEU C 263 -6.21 -9.74 -35.67
N GLN C 264 -6.47 -9.74 -34.37
CA GLN C 264 -7.42 -8.80 -33.81
C GLN C 264 -6.79 -7.80 -32.84
N ILE C 265 -5.74 -8.21 -32.14
CA ILE C 265 -5.14 -7.41 -31.09
C ILE C 265 -3.65 -7.43 -31.32
N LEU C 266 -3.05 -6.25 -31.44
CA LEU C 266 -1.60 -6.12 -31.58
C LEU C 266 -1.14 -5.03 -30.64
N GLU C 267 -0.45 -5.43 -29.58
CA GLU C 267 0.18 -4.51 -28.65
C GLU C 267 1.67 -4.51 -28.94
N ALA C 268 2.20 -3.34 -29.27
CA ALA C 268 3.62 -3.17 -29.61
C ALA C 268 4.14 -1.88 -29.02
N ALA C 269 3.69 -1.55 -27.79
CA ALA C 269 4.23 -0.41 -27.08
C ALA C 269 5.74 -0.52 -26.99
N ARG C 270 6.42 0.62 -27.10
CA ARG C 270 7.86 0.77 -26.92
C ARG C 270 8.67 0.15 -28.05
N CYS C 271 8.03 -0.32 -29.12
CA CYS C 271 8.74 -0.85 -30.29
C CYS C 271 9.12 0.30 -31.21
N SER C 272 10.27 0.92 -30.96
CA SER C 272 10.60 2.21 -31.58
C SER C 272 10.73 2.11 -33.10
N HIS C 273 11.37 1.04 -33.59
CA HIS C 273 11.76 0.96 -34.99
C HIS C 273 10.57 0.78 -35.92
N LEU C 274 9.41 0.36 -35.44
CA LEU C 274 8.27 0.18 -36.32
C LEU C 274 8.00 1.46 -37.11
N THR C 275 7.82 1.33 -38.43
CA THR C 275 7.53 2.49 -39.28
C THR C 275 6.28 2.24 -40.12
N ASP C 276 5.90 3.29 -40.86
CA ASP C 276 4.75 3.23 -41.77
C ASP C 276 4.86 2.07 -42.76
N ALA C 277 6.07 1.81 -43.26
CA ALA C 277 6.27 0.65 -44.13
C ALA C 277 5.69 -0.60 -43.49
N GLY C 278 6.16 -0.90 -42.28
CA GLY C 278 5.64 -2.06 -41.56
C GLY C 278 4.13 -2.06 -41.39
N PHE C 279 3.55 -0.90 -41.05
CA PHE C 279 2.13 -0.85 -40.70
C PHE C 279 1.23 -0.86 -41.91
N THR C 280 1.73 -0.34 -43.03
CA THR C 280 0.97 -0.41 -44.25
C THR C 280 0.86 -1.87 -44.70
N LEU C 281 2.00 -2.60 -44.70
CA LEU C 281 2.01 -4.03 -45.01
C LEU C 281 1.11 -4.80 -44.07
N LEU C 282 1.11 -4.42 -42.79
CA LEU C 282 0.27 -5.10 -41.80
C LEU C 282 -1.21 -4.77 -42.03
N ALA C 283 -1.52 -3.48 -42.20
CA ALA C 283 -2.91 -3.04 -42.33
C ALA C 283 -3.63 -3.73 -43.49
N ARG C 284 -2.96 -3.82 -44.65
CA ARG C 284 -3.65 -4.28 -45.85
C ARG C 284 -4.05 -5.74 -45.75
N ASN C 285 -3.28 -6.57 -45.06
CA ASN C 285 -3.54 -7.99 -44.93
C ASN C 285 -4.29 -8.35 -43.65
N CYS C 286 -4.52 -7.40 -42.74
CA CYS C 286 -5.13 -7.69 -41.44
C CYS C 286 -6.39 -6.86 -41.28
N HIS C 287 -7.48 -7.35 -41.85
CA HIS C 287 -8.76 -6.66 -41.82
C HIS C 287 -9.61 -7.06 -40.62
N GLU C 288 -9.00 -7.58 -39.57
CA GLU C 288 -9.77 -7.91 -38.39
C GLU C 288 -9.18 -7.30 -37.14
N LEU C 289 -8.22 -6.36 -37.30
CA LEU C 289 -7.64 -5.65 -36.14
C LEU C 289 -8.71 -4.87 -35.40
N GLU C 290 -8.71 -5.02 -34.08
CA GLU C 290 -9.64 -4.34 -33.19
C GLU C 290 -8.94 -3.47 -32.15
N LYS C 291 -7.90 -3.98 -31.51
CA LYS C 291 -7.06 -3.21 -30.62
C LYS C 291 -5.68 -3.09 -31.24
N MET C 292 -5.12 -1.88 -31.23
CA MET C 292 -3.72 -1.67 -31.57
C MET C 292 -3.13 -0.66 -30.60
N ASP C 293 -2.11 -1.09 -29.88
CA ASP C 293 -1.40 -0.19 -28.98
C ASP C 293 -0.03 0.06 -29.60
N LEU C 294 0.18 1.28 -30.09
CA LEU C 294 1.43 1.68 -30.73
C LEU C 294 2.12 2.80 -29.96
N GLU C 295 1.91 2.86 -28.65
CA GLU C 295 2.61 3.80 -27.79
C GLU C 295 4.11 3.73 -27.99
N GLU C 296 4.71 4.90 -28.26
CA GLU C 296 6.14 5.12 -28.42
C GLU C 296 6.68 4.51 -29.71
N CYS C 297 5.81 4.28 -30.68
CA CYS C 297 6.24 4.04 -32.04
C CYS C 297 6.44 5.42 -32.68
N ILE C 298 7.54 6.06 -32.31
CA ILE C 298 7.78 7.46 -32.65
C ILE C 298 7.80 7.68 -34.16
N LEU C 299 8.37 6.74 -34.92
CA LEU C 299 8.56 6.93 -36.37
C LEU C 299 7.24 6.94 -37.12
N ILE C 300 6.16 6.52 -36.47
CA ILE C 300 4.85 6.47 -37.10
C ILE C 300 4.37 7.88 -37.42
N THR C 301 3.89 8.06 -38.64
CA THR C 301 3.37 9.31 -39.14
C THR C 301 1.90 9.14 -39.46
N ASP C 302 1.29 10.21 -39.96
CA ASP C 302 -0.12 10.13 -40.37
C ASP C 302 -0.38 9.03 -41.40
N SER C 303 0.61 8.69 -42.23
CA SER C 303 0.41 7.61 -43.21
C SER C 303 -0.09 6.31 -42.54
N THR C 304 0.52 5.92 -41.40
CA THR C 304 0.07 4.70 -40.72
C THR C 304 -1.43 4.76 -40.44
N LEU C 305 -1.90 5.88 -39.89
CA LEU C 305 -3.33 6.01 -39.61
C LEU C 305 -4.16 5.98 -40.89
N ILE C 306 -3.60 6.46 -42.00
CA ILE C 306 -4.32 6.46 -43.27
C ILE C 306 -4.73 5.03 -43.66
N GLN C 307 -3.76 4.12 -43.66
CA GLN C 307 -4.01 2.73 -44.01
C GLN C 307 -4.97 2.09 -43.03
N LEU C 308 -4.78 2.36 -41.73
CA LEU C 308 -5.71 1.83 -40.74
C LEU C 308 -7.15 2.25 -41.05
N SER C 309 -7.35 3.50 -41.47
CA SER C 309 -8.70 3.97 -41.82
C SER C 309 -9.25 3.23 -43.05
N ILE C 310 -8.39 2.84 -43.98
CA ILE C 310 -8.83 2.08 -45.15
C ILE C 310 -9.07 0.62 -44.79
N HIS C 311 -8.00 -0.08 -44.40
CA HIS C 311 -7.92 -1.53 -44.39
C HIS C 311 -8.42 -2.20 -43.12
N CYS C 312 -8.82 -1.46 -42.09
CA CYS C 312 -9.17 -2.03 -40.80
C CYS C 312 -10.57 -1.59 -40.40
N PRO C 313 -11.59 -2.13 -41.08
CA PRO C 313 -12.96 -1.69 -40.84
C PRO C 313 -13.50 -1.94 -39.43
N LYS C 314 -12.90 -2.79 -38.61
CA LYS C 314 -13.49 -3.08 -37.31
C LYS C 314 -12.66 -2.52 -36.16
N LEU C 315 -11.72 -1.61 -36.45
CA LEU C 315 -10.81 -1.10 -35.44
C LEU C 315 -11.58 -0.42 -34.30
N GLN C 316 -11.24 -0.81 -33.09
CA GLN C 316 -12.02 -0.57 -31.90
C GLN C 316 -11.32 0.35 -30.92
N ALA C 317 -10.00 0.24 -30.83
CA ALA C 317 -9.22 0.88 -29.78
C ALA C 317 -7.82 1.10 -30.31
N LEU C 318 -7.36 2.35 -30.27
CA LEU C 318 -6.10 2.73 -30.86
C LEU C 318 -5.35 3.63 -29.90
N SER C 319 -4.11 3.28 -29.60
CA SER C 319 -3.27 4.15 -28.81
C SER C 319 -2.11 4.62 -29.66
N LEU C 320 -1.99 5.94 -29.78
CA LEU C 320 -0.90 6.62 -30.46
C LEU C 320 -0.06 7.45 -29.50
N SER C 321 -0.06 7.09 -28.21
CA SER C 321 0.70 7.84 -27.21
C SER C 321 2.15 7.98 -27.64
N HIS C 322 2.68 9.21 -27.49
CA HIS C 322 4.06 9.57 -27.81
C HIS C 322 4.40 9.43 -29.29
N CYS C 323 3.42 9.09 -30.13
CA CYS C 323 3.64 9.16 -31.57
C CYS C 323 3.56 10.64 -31.93
N GLU C 324 4.71 11.30 -31.72
CA GLU C 324 4.81 12.76 -31.83
C GLU C 324 4.40 13.24 -33.21
N LEU C 325 4.77 12.49 -34.26
CA LEU C 325 4.58 12.95 -35.64
C LEU C 325 3.12 13.00 -36.06
N ILE C 326 2.23 12.32 -35.34
CA ILE C 326 0.81 12.34 -35.69
C ILE C 326 0.27 13.77 -35.65
N THR C 327 -0.49 14.13 -36.67
CA THR C 327 -1.09 15.46 -36.79
C THR C 327 -2.60 15.36 -36.86
N ASP C 328 -3.27 16.54 -36.82
CA ASP C 328 -4.72 16.59 -37.01
C ASP C 328 -5.17 15.91 -38.28
N ASP C 329 -4.25 15.75 -39.26
CA ASP C 329 -4.56 15.14 -40.54
C ASP C 329 -4.97 13.67 -40.39
N GLY C 330 -4.07 12.85 -39.83
CA GLY C 330 -4.37 11.45 -39.64
C GLY C 330 -5.64 11.24 -38.85
N ILE C 331 -5.94 12.16 -37.93
CA ILE C 331 -7.14 12.04 -37.14
C ILE C 331 -8.38 12.25 -38.01
N LEU C 332 -8.29 13.13 -39.00
CA LEU C 332 -9.40 13.32 -39.92
C LEU C 332 -9.72 12.03 -40.66
N HIS C 333 -8.67 11.33 -41.12
CA HIS C 333 -8.84 10.04 -41.76
C HIS C 333 -9.56 9.05 -40.86
N LEU C 334 -9.05 8.84 -39.64
CA LEU C 334 -9.73 7.98 -38.68
C LEU C 334 -11.21 8.33 -38.58
N SER C 335 -11.52 9.62 -38.40
CA SER C 335 -12.92 10.00 -38.20
C SER C 335 -13.77 9.78 -39.45
N ASN C 336 -13.18 9.82 -40.64
CA ASN C 336 -13.88 9.47 -41.87
C ASN C 336 -13.63 8.03 -42.31
N SER C 337 -13.25 7.17 -41.37
CA SER C 337 -13.16 5.72 -41.54
C SER C 337 -14.58 5.15 -41.64
N THR C 338 -14.69 3.93 -42.16
CA THR C 338 -15.82 3.09 -41.78
C THR C 338 -15.75 2.70 -40.31
N CYS C 339 -14.55 2.43 -39.77
CA CYS C 339 -14.47 2.09 -38.35
C CYS C 339 -14.75 3.29 -37.44
N GLY C 340 -14.40 4.50 -37.89
CA GLY C 340 -14.54 5.67 -37.04
C GLY C 340 -15.96 6.14 -36.85
N HIS C 341 -16.82 5.91 -37.84
CA HIS C 341 -18.20 6.39 -37.77
C HIS C 341 -19.00 5.69 -36.68
N GLU C 342 -18.64 4.45 -36.34
CA GLU C 342 -19.35 3.76 -35.28
C GLU C 342 -18.50 2.83 -34.43
N ARG C 343 -17.42 2.24 -34.96
CA ARG C 343 -16.72 1.15 -34.30
C ARG C 343 -15.45 1.57 -33.57
N LEU C 344 -15.12 2.87 -33.52
CA LEU C 344 -14.04 3.32 -32.66
C LEU C 344 -14.62 3.84 -31.35
N ARG C 345 -14.08 3.36 -30.23
CA ARG C 345 -14.52 3.82 -28.93
C ARG C 345 -13.41 4.36 -28.06
N VAL C 346 -12.17 3.96 -28.29
CA VAL C 346 -11.07 4.34 -27.42
C VAL C 346 -9.94 4.81 -28.31
N LEU C 347 -9.56 6.06 -28.14
CA LEU C 347 -8.46 6.65 -28.89
C LEU C 347 -7.57 7.34 -27.86
N GLU C 348 -6.27 7.06 -27.94
CA GLU C 348 -5.31 7.62 -26.99
C GLU C 348 -4.27 8.38 -27.78
N LEU C 349 -4.26 9.71 -27.64
CA LEU C 349 -3.35 10.55 -28.39
C LEU C 349 -2.41 11.34 -27.49
N ASP C 350 -2.15 10.88 -26.28
CA ASP C 350 -1.37 11.70 -25.37
C ASP C 350 0.09 11.77 -25.79
N ASN C 351 0.71 12.92 -25.50
CA ASN C 351 2.06 13.31 -25.90
C ASN C 351 2.22 13.32 -27.41
N CYS C 352 1.10 13.32 -28.14
CA CYS C 352 1.06 13.75 -29.54
C CYS C 352 0.99 15.26 -29.54
N LEU C 353 2.16 15.89 -29.54
CA LEU C 353 2.25 17.33 -29.30
C LEU C 353 1.54 18.18 -30.36
N LEU C 354 1.32 17.64 -31.56
CA LEU C 354 0.77 18.42 -32.67
C LEU C 354 -0.74 18.43 -32.70
N ILE C 355 -1.41 17.59 -31.92
CA ILE C 355 -2.86 17.53 -31.98
C ILE C 355 -3.44 18.81 -31.40
N THR C 356 -4.43 19.37 -32.09
CA THR C 356 -5.06 20.63 -31.74
C THR C 356 -6.56 20.43 -31.61
N ASP C 357 -7.25 21.53 -31.28
CA ASP C 357 -8.70 21.54 -31.18
C ASP C 357 -9.36 21.02 -32.47
N VAL C 358 -8.71 21.21 -33.62
CA VAL C 358 -9.28 20.76 -34.89
C VAL C 358 -9.50 19.25 -34.88
N ALA C 359 -8.54 18.51 -34.33
CA ALA C 359 -8.70 17.05 -34.23
C ALA C 359 -9.94 16.70 -33.41
N LEU C 360 -10.22 17.49 -32.37
CA LEU C 360 -11.43 17.24 -31.60
C LEU C 360 -12.68 17.56 -32.38
N GLU C 361 -12.60 18.50 -33.33
CA GLU C 361 -13.74 18.73 -34.21
C GLU C 361 -13.88 17.60 -35.24
N HIS C 362 -12.76 17.11 -35.80
CA HIS C 362 -12.84 15.87 -36.59
C HIS C 362 -13.59 14.80 -35.82
N LEU C 363 -13.10 14.42 -34.64
CA LEU C 363 -13.68 13.32 -33.89
C LEU C 363 -15.09 13.59 -33.39
N GLU C 364 -15.76 14.61 -33.92
CA GLU C 364 -17.19 14.77 -33.67
C GLU C 364 -18.02 13.85 -34.56
N ASN C 365 -17.41 13.26 -35.60
CA ASN C 365 -18.05 12.22 -36.42
C ASN C 365 -18.06 10.87 -35.73
N CYS C 366 -17.24 10.68 -34.69
CA CYS C 366 -17.06 9.38 -34.04
C CYS C 366 -18.14 9.20 -32.97
N ARG C 367 -19.34 8.91 -33.43
CA ARG C 367 -20.47 8.74 -32.53
C ARG C 367 -20.29 7.55 -31.59
N GLY C 368 -19.31 6.69 -31.84
CA GLY C 368 -19.11 5.53 -31.00
C GLY C 368 -18.09 5.72 -29.89
N LEU C 369 -17.39 6.86 -29.91
CA LEU C 369 -16.29 7.08 -28.98
C LEU C 369 -16.79 7.13 -27.53
N GLU C 370 -16.23 6.27 -26.68
CA GLU C 370 -16.46 6.29 -25.24
C GLU C 370 -15.34 6.95 -24.44
N ARG C 371 -14.11 6.91 -24.95
CA ARG C 371 -12.95 7.27 -24.17
C ARG C 371 -11.93 7.93 -25.09
N LEU C 372 -11.53 9.15 -24.75
CA LEU C 372 -10.54 9.87 -25.52
C LEU C 372 -9.52 10.42 -24.54
N GLU C 373 -8.24 10.19 -24.81
CA GLU C 373 -7.19 10.62 -23.91
C GLU C 373 -6.30 11.63 -24.61
N LEU C 374 -6.06 12.76 -23.95
CA LEU C 374 -5.36 13.88 -24.57
C LEU C 374 -4.27 14.44 -23.68
N TYR C 375 -3.90 13.76 -22.60
CA TYR C 375 -2.81 14.18 -21.72
C TYR C 375 -1.61 14.72 -22.51
N ASP C 376 -1.03 15.82 -22.03
CA ASP C 376 0.18 16.40 -22.57
C ASP C 376 0.04 16.89 -24.02
N CYS C 377 -1.18 16.90 -24.57
CA CYS C 377 -1.48 17.55 -25.84
C CYS C 377 -1.75 19.03 -25.57
N GLN C 378 -0.67 19.80 -25.51
CA GLN C 378 -0.76 21.17 -25.01
C GLN C 378 -1.48 22.13 -25.96
N GLN C 379 -1.61 21.80 -27.25
CA GLN C 379 -2.33 22.67 -28.17
C GLN C 379 -3.85 22.60 -27.97
N VAL C 380 -4.32 21.69 -27.13
CA VAL C 380 -5.76 21.46 -26.95
C VAL C 380 -6.28 22.33 -25.79
N THR C 381 -7.32 23.09 -26.05
CA THR C 381 -7.85 24.07 -25.10
C THR C 381 -8.99 23.48 -24.27
N ARG C 382 -9.21 24.07 -23.09
CA ARG C 382 -10.41 23.76 -22.32
C ARG C 382 -11.65 23.98 -23.15
N ALA C 383 -11.62 24.97 -24.04
CA ALA C 383 -12.74 25.23 -24.94
C ALA C 383 -13.02 24.02 -25.83
N GLY C 384 -12.00 23.56 -26.56
CA GLY C 384 -12.16 22.40 -27.42
C GLY C 384 -12.79 21.22 -26.69
N ILE C 385 -12.26 20.88 -25.51
CA ILE C 385 -12.83 19.79 -24.71
C ILE C 385 -14.32 20.01 -24.48
N LYS C 386 -14.70 21.23 -24.05
CA LYS C 386 -16.09 21.46 -23.68
C LYS C 386 -17.03 21.34 -24.88
N ARG C 387 -16.60 21.74 -26.07
CA ARG C 387 -17.46 21.62 -27.23
C ARG C 387 -17.50 20.19 -27.78
N MET C 388 -16.49 19.38 -27.46
CA MET C 388 -16.55 17.98 -27.84
C MET C 388 -17.45 17.19 -26.89
N ARG C 389 -17.31 17.43 -25.59
CA ARG C 389 -18.26 16.87 -24.64
C ARG C 389 -19.68 17.28 -24.98
N ALA C 390 -19.86 18.47 -25.55
CA ALA C 390 -21.18 18.99 -25.89
C ALA C 390 -21.77 18.27 -27.11
N GLN C 391 -20.95 18.01 -28.14
CA GLN C 391 -21.45 17.27 -29.30
C GLN C 391 -21.58 15.78 -29.00
N LEU C 392 -20.62 15.20 -28.26
CA LEU C 392 -20.59 13.78 -27.89
C LEU C 392 -20.64 13.68 -26.37
N PRO C 393 -21.83 13.71 -25.75
CA PRO C 393 -21.89 13.48 -24.29
C PRO C 393 -21.53 12.06 -23.89
N HIS C 394 -21.57 11.12 -24.87
CA HIS C 394 -21.16 9.74 -24.68
C HIS C 394 -19.68 9.64 -24.26
N VAL C 395 -18.85 10.59 -24.69
CA VAL C 395 -17.41 10.46 -24.58
C VAL C 395 -16.93 11.00 -23.24
N LYS C 396 -16.06 10.24 -22.59
CA LYS C 396 -15.25 10.78 -21.50
C LYS C 396 -13.90 11.10 -22.13
N VAL C 397 -13.56 12.38 -22.19
CA VAL C 397 -12.28 12.81 -22.71
C VAL C 397 -11.41 13.17 -21.51
N HIS C 398 -10.12 12.85 -21.60
CA HIS C 398 -9.25 12.91 -20.43
C HIS C 398 -8.01 13.74 -20.73
N ALA C 399 -7.90 14.89 -20.05
CA ALA C 399 -6.69 15.72 -20.10
C ALA C 399 -6.32 16.10 -18.67
N TYR C 400 -5.25 16.86 -18.52
CA TYR C 400 -4.84 17.29 -17.18
C TYR C 400 -5.63 18.48 -16.64
N PHE C 401 -6.58 19.04 -17.39
CA PHE C 401 -7.29 20.26 -16.97
C PHE C 401 -8.12 20.09 -15.70
N PRO D 3 -34.79 7.03 -34.01
CA PRO D 3 -34.47 5.77 -33.36
C PRO D 3 -35.16 5.67 -32.01
N SER D 4 -36.48 5.49 -32.02
CA SER D 4 -37.22 5.30 -30.78
C SER D 4 -38.35 4.32 -31.02
N ILE D 5 -38.57 3.47 -30.03
CA ILE D 5 -39.63 2.47 -30.06
C ILE D 5 -40.56 2.70 -28.88
N LYS D 6 -41.78 2.23 -29.04
CA LYS D 6 -42.71 2.17 -27.94
C LYS D 6 -42.78 0.74 -27.40
N LEU D 7 -42.82 0.64 -26.08
CA LEU D 7 -42.96 -0.61 -25.35
C LEU D 7 -44.23 -0.53 -24.52
N GLN D 8 -45.02 -1.60 -24.54
CA GLN D 8 -46.25 -1.65 -23.74
C GLN D 8 -46.06 -2.62 -22.57
N SER D 9 -46.30 -2.13 -21.37
CA SER D 9 -46.16 -3.00 -20.22
C SER D 9 -47.39 -3.89 -20.10
N SER D 10 -47.31 -4.84 -19.16
CA SER D 10 -48.39 -5.80 -18.95
C SER D 10 -49.74 -5.10 -18.83
N ASP D 11 -49.78 -3.97 -18.15
CA ASP D 11 -51.02 -3.24 -17.89
C ASP D 11 -51.38 -2.22 -18.97
N GLY D 12 -50.65 -2.17 -20.08
CA GLY D 12 -51.07 -1.33 -21.17
C GLY D 12 -50.50 0.07 -21.24
N GLU D 13 -49.64 0.46 -20.30
CA GLU D 13 -48.99 1.75 -20.44
C GLU D 13 -47.85 1.65 -21.44
N ILE D 14 -47.67 2.71 -22.21
CA ILE D 14 -46.75 2.72 -23.33
C ILE D 14 -45.56 3.62 -22.99
N PHE D 15 -44.37 3.17 -23.37
CA PHE D 15 -43.12 3.84 -23.00
C PHE D 15 -42.31 4.13 -24.24
N GLU D 16 -42.03 5.41 -24.48
CA GLU D 16 -41.10 5.77 -25.53
C GLU D 16 -39.68 5.59 -24.99
N VAL D 17 -38.91 4.77 -25.68
CA VAL D 17 -37.55 4.45 -25.26
C VAL D 17 -36.67 4.53 -26.51
N ASP D 18 -35.48 5.09 -26.36
CA ASP D 18 -34.52 5.08 -27.45
C ASP D 18 -34.14 3.65 -27.78
N VAL D 19 -34.05 3.32 -29.08
CA VAL D 19 -33.76 1.94 -29.41
C VAL D 19 -32.40 1.50 -28.87
N GLU D 20 -31.44 2.41 -28.73
CA GLU D 20 -30.09 1.99 -28.32
C GLU D 20 -30.08 1.58 -26.86
N ILE D 21 -30.46 2.48 -25.95
CA ILE D 21 -30.48 2.14 -24.53
C ILE D 21 -31.39 0.95 -24.28
N ALA D 22 -32.31 0.64 -25.20
CA ALA D 22 -33.23 -0.43 -24.92
C ALA D 22 -32.70 -1.78 -25.39
N LYS D 23 -31.83 -1.85 -26.40
CA LYS D 23 -31.26 -3.14 -26.78
C LYS D 23 -30.16 -3.62 -25.82
N GLN D 24 -29.95 -2.95 -24.69
CA GLN D 24 -29.27 -3.61 -23.57
C GLN D 24 -30.05 -4.84 -23.14
N SER D 25 -31.33 -4.89 -23.50
CA SER D 25 -32.17 -6.07 -23.36
C SER D 25 -32.01 -6.93 -24.60
N VAL D 26 -31.52 -8.16 -24.41
CA VAL D 26 -31.43 -9.11 -25.52
C VAL D 26 -32.82 -9.52 -25.97
N THR D 27 -33.75 -9.64 -25.03
CA THR D 27 -35.14 -9.94 -25.36
C THR D 27 -35.77 -8.84 -26.21
N ILE D 28 -35.52 -7.57 -25.87
CA ILE D 28 -36.12 -6.48 -26.64
C ILE D 28 -35.49 -6.41 -28.03
N LYS D 29 -34.17 -6.53 -28.10
CA LYS D 29 -33.51 -6.56 -29.41
C LYS D 29 -34.04 -7.71 -30.28
N THR D 30 -34.37 -8.85 -29.67
CA THR D 30 -34.93 -9.97 -30.42
C THR D 30 -36.26 -9.60 -31.06
N MET D 31 -37.16 -9.02 -30.25
CA MET D 31 -38.48 -8.64 -30.74
C MET D 31 -38.44 -7.59 -31.85
N LEU D 32 -37.52 -6.65 -31.78
CA LEU D 32 -37.33 -5.71 -32.87
C LEU D 32 -36.93 -6.42 -34.14
N GLU D 33 -35.89 -7.26 -34.05
CA GLU D 33 -35.48 -8.09 -35.18
C GLU D 33 -36.64 -8.93 -35.70
N ASP D 34 -37.45 -9.48 -34.81
CA ASP D 34 -38.63 -10.22 -35.24
C ASP D 34 -39.63 -9.30 -35.91
N LEU D 35 -39.91 -8.15 -35.29
CA LEU D 35 -40.78 -7.19 -35.92
C LEU D 35 -40.13 -6.66 -37.19
N GLY D 36 -40.88 -5.84 -37.90
CA GLY D 36 -40.35 -5.30 -39.12
C GLY D 36 -39.34 -4.17 -38.91
N MET D 37 -38.76 -3.66 -40.01
CA MET D 37 -39.00 -4.08 -41.40
C MET D 37 -40.50 -4.05 -41.73
N ASP D 38 -41.24 -3.06 -41.18
CA ASP D 38 -42.65 -2.92 -41.54
C ASP D 38 -43.02 -1.45 -41.63
N ASP D 39 -43.52 -1.08 -42.79
CA ASP D 39 -43.96 0.23 -43.23
C ASP D 39 -45.43 0.48 -42.97
N GLU D 40 -46.24 -0.57 -43.10
CA GLU D 40 -47.68 -0.51 -43.32
C GLU D 40 -48.47 -0.89 -42.09
N GLY D 41 -47.80 -1.04 -40.94
CA GLY D 41 -48.48 -1.37 -39.72
C GLY D 41 -49.17 -0.16 -39.13
N ASP D 42 -49.67 -0.36 -37.92
CA ASP D 42 -50.39 0.64 -37.15
C ASP D 42 -49.52 1.30 -36.09
N ASP D 43 -48.19 1.17 -36.19
CA ASP D 43 -47.24 1.64 -35.17
C ASP D 43 -47.57 1.09 -33.79
N ASP D 44 -48.02 -0.15 -33.74
CA ASP D 44 -48.29 -0.80 -32.46
C ASP D 44 -47.02 -0.91 -31.63
N PRO D 45 -47.08 -0.70 -30.32
CA PRO D 45 -45.87 -0.88 -29.50
C PRO D 45 -45.48 -2.36 -29.40
N VAL D 46 -44.25 -2.58 -28.94
CA VAL D 46 -43.75 -3.92 -28.59
C VAL D 46 -44.44 -4.41 -27.32
N PRO D 47 -45.22 -5.48 -27.38
CA PRO D 47 -45.89 -5.99 -26.17
C PRO D 47 -44.92 -6.67 -25.22
N LEU D 48 -44.97 -6.29 -23.94
CA LEU D 48 -44.18 -6.91 -22.88
C LEU D 48 -45.10 -7.44 -21.79
N PRO D 49 -45.83 -8.53 -22.07
CA PRO D 49 -46.84 -9.01 -21.11
C PRO D 49 -46.31 -9.41 -19.74
N ASN D 50 -45.00 -9.69 -19.59
CA ASN D 50 -44.47 -10.18 -18.32
C ASN D 50 -43.78 -9.12 -17.48
N VAL D 51 -44.00 -7.83 -17.76
CA VAL D 51 -43.45 -6.75 -16.93
C VAL D 51 -44.52 -5.67 -16.79
N ASN D 52 -44.81 -5.28 -15.55
CA ASN D 52 -45.77 -4.20 -15.36
C ASN D 52 -45.05 -2.85 -15.46
N ALA D 53 -45.84 -1.77 -15.47
CA ALA D 53 -45.26 -0.44 -15.73
C ALA D 53 -44.28 -0.01 -14.65
N ALA D 54 -44.53 -0.34 -13.37
CA ALA D 54 -43.63 0.07 -12.29
C ALA D 54 -42.26 -0.58 -12.44
N ILE D 55 -42.21 -1.90 -12.68
CA ILE D 55 -40.94 -2.58 -12.90
C ILE D 55 -40.25 -2.03 -14.16
N LEU D 56 -41.02 -1.85 -15.23
CA LEU D 56 -40.45 -1.31 -16.47
C LEU D 56 -39.79 0.05 -16.21
N LYS D 57 -40.51 0.96 -15.57
CA LYS D 57 -39.96 2.25 -15.17
C LYS D 57 -38.56 2.09 -14.60
N LYS D 58 -38.44 1.25 -13.56
CA LYS D 58 -37.17 1.04 -12.89
C LYS D 58 -36.11 0.49 -13.86
N VAL D 59 -36.51 -0.44 -14.74
CA VAL D 59 -35.59 -1.02 -15.71
C VAL D 59 -35.10 0.05 -16.70
N ILE D 60 -36.03 0.81 -17.29
CA ILE D 60 -35.66 1.84 -18.25
C ILE D 60 -34.73 2.86 -17.60
N GLN D 61 -35.05 3.26 -16.37
CA GLN D 61 -34.14 4.14 -15.66
C GLN D 61 -32.78 3.48 -15.42
N TRP D 62 -32.75 2.17 -15.14
CA TRP D 62 -31.44 1.51 -15.01
C TRP D 62 -30.68 1.50 -16.34
N CYS D 63 -31.39 1.22 -17.45
CA CYS D 63 -30.72 1.18 -18.76
C CYS D 63 -30.28 2.57 -19.22
N THR D 64 -31.00 3.61 -18.84
CA THR D 64 -30.59 4.93 -19.28
C THR D 64 -29.29 5.37 -18.59
N HIS D 65 -29.07 4.94 -17.35
CA HIS D 65 -27.87 5.32 -16.62
C HIS D 65 -26.62 4.63 -17.12
N HIS D 66 -26.73 3.64 -18.00
CA HIS D 66 -25.59 2.87 -18.43
C HIS D 66 -25.32 3.12 -19.91
N LYS D 67 -24.14 3.69 -20.21
CA LYS D 67 -23.51 3.62 -21.54
C LYS D 67 -22.36 2.61 -21.54
N ASP D 68 -21.41 2.81 -20.62
CA ASP D 68 -20.50 1.74 -20.21
C ASP D 68 -19.63 1.19 -21.34
N GLU D 80 -16.68 -14.68 -11.74
CA GLU D 80 -16.11 -14.44 -10.42
C GLU D 80 -17.17 -14.43 -9.31
N LYS D 81 -17.03 -15.35 -8.35
CA LYS D 81 -17.86 -15.38 -7.15
C LYS D 81 -17.50 -14.19 -6.26
N ARG D 82 -18.34 -13.15 -6.29
CA ARG D 82 -17.93 -11.81 -5.89
C ARG D 82 -19.15 -10.92 -5.69
N THR D 83 -19.23 -10.18 -4.58
CA THR D 83 -20.38 -9.29 -4.36
C THR D 83 -20.02 -7.87 -3.91
N ASP D 84 -18.74 -7.58 -3.64
CA ASP D 84 -18.25 -6.25 -3.28
C ASP D 84 -18.13 -5.33 -4.48
N ASP D 85 -18.78 -5.73 -5.56
CA ASP D 85 -18.50 -5.28 -6.91
C ASP D 85 -19.47 -4.22 -7.42
N ILE D 86 -20.57 -4.00 -6.71
CA ILE D 86 -21.70 -3.22 -7.25
C ILE D 86 -21.33 -1.75 -7.24
N PRO D 87 -21.47 -1.03 -8.36
CA PRO D 87 -21.26 0.43 -8.35
C PRO D 87 -22.25 1.12 -7.42
N VAL D 88 -21.87 2.32 -7.00
CA VAL D 88 -22.59 2.98 -5.92
C VAL D 88 -23.93 3.53 -6.41
N TRP D 89 -24.01 3.92 -7.70
CA TRP D 89 -25.31 4.31 -8.24
C TRP D 89 -26.31 3.16 -8.13
N ASP D 90 -25.86 1.94 -8.46
CA ASP D 90 -26.73 0.77 -8.42
C ASP D 90 -27.12 0.40 -7.00
N GLN D 91 -26.14 0.38 -6.09
CA GLN D 91 -26.44 0.19 -4.66
C GLN D 91 -27.58 1.09 -4.20
N GLU D 92 -27.47 2.40 -4.45
CA GLU D 92 -28.55 3.34 -4.13
C GLU D 92 -29.83 2.97 -4.87
N PHE D 93 -29.72 2.77 -6.20
CA PHE D 93 -30.87 2.39 -7.02
C PHE D 93 -31.63 1.19 -6.46
N LEU D 94 -30.91 0.25 -5.83
CA LEU D 94 -31.49 -1.02 -5.43
C LEU D 94 -31.97 -1.01 -4.00
N LYS D 95 -31.93 0.12 -3.31
CA LYS D 95 -32.46 0.20 -1.95
C LYS D 95 -33.97 0.29 -2.05
N VAL D 96 -34.58 -0.85 -2.38
CA VAL D 96 -36.02 -0.96 -2.52
C VAL D 96 -36.51 -2.06 -1.59
N ASP D 97 -37.83 -2.17 -1.46
CA ASP D 97 -38.36 -3.28 -0.70
C ASP D 97 -37.97 -4.59 -1.37
N GLN D 98 -38.10 -5.68 -0.61
CA GLN D 98 -37.68 -6.97 -1.13
C GLN D 98 -38.52 -7.39 -2.34
N GLY D 99 -39.82 -7.07 -2.31
CA GLY D 99 -40.71 -7.52 -3.38
C GLY D 99 -40.35 -6.94 -4.74
N THR D 100 -40.07 -5.64 -4.79
CA THR D 100 -39.72 -5.02 -6.07
C THR D 100 -38.34 -5.46 -6.55
N LEU D 101 -37.40 -5.70 -5.63
CA LEU D 101 -36.07 -6.15 -6.04
C LEU D 101 -36.13 -7.56 -6.63
N PHE D 102 -36.96 -8.45 -6.05
CA PHE D 102 -37.21 -9.75 -6.67
C PHE D 102 -37.89 -9.60 -8.02
N GLU D 103 -38.82 -8.64 -8.13
CA GLU D 103 -39.42 -8.37 -9.43
C GLU D 103 -38.37 -7.83 -10.40
N LEU D 104 -37.41 -7.04 -9.92
CA LEU D 104 -36.34 -6.57 -10.80
C LEU D 104 -35.43 -7.72 -11.24
N ILE D 105 -35.26 -8.75 -10.40
CA ILE D 105 -34.51 -9.92 -10.84
C ILE D 105 -35.27 -10.60 -11.96
N LEU D 106 -36.56 -10.88 -11.71
CA LEU D 106 -37.40 -11.53 -12.72
C LEU D 106 -37.41 -10.74 -14.02
N ALA D 107 -37.64 -9.44 -13.93
CA ALA D 107 -37.61 -8.59 -15.12
C ALA D 107 -36.27 -8.68 -15.83
N ALA D 108 -35.18 -8.57 -15.08
CA ALA D 108 -33.86 -8.62 -15.69
C ALA D 108 -33.63 -9.95 -16.36
N ASN D 109 -34.23 -11.01 -15.82
CA ASN D 109 -34.12 -12.33 -16.41
C ASN D 109 -35.02 -12.46 -17.63
N TYR D 110 -36.26 -11.99 -17.52
CA TYR D 110 -37.17 -12.03 -18.66
C TYR D 110 -36.61 -11.21 -19.82
N LEU D 111 -36.20 -9.97 -19.55
CA LEU D 111 -35.70 -9.08 -20.58
C LEU D 111 -34.25 -9.36 -20.95
N ASP D 112 -33.57 -10.25 -20.22
CA ASP D 112 -32.17 -10.62 -20.47
C ASP D 112 -31.25 -9.39 -20.46
N ILE D 113 -31.22 -8.73 -19.29
CA ILE D 113 -30.32 -7.60 -19.07
C ILE D 113 -29.30 -8.07 -18.05
N LYS D 114 -28.18 -8.61 -18.55
CA LYS D 114 -27.21 -9.30 -17.72
C LYS D 114 -26.56 -8.38 -16.70
N GLY D 115 -26.32 -7.12 -17.07
CA GLY D 115 -25.83 -6.17 -16.08
C GLY D 115 -26.78 -6.03 -14.90
N LEU D 116 -28.08 -5.85 -15.19
CA LEU D 116 -29.03 -5.64 -14.11
C LEU D 116 -29.23 -6.90 -13.30
N LEU D 117 -29.21 -8.07 -13.95
CA LEU D 117 -29.42 -9.30 -13.21
C LEU D 117 -28.22 -9.64 -12.34
N ASP D 118 -27.02 -9.26 -12.75
CA ASP D 118 -25.85 -9.43 -11.90
C ASP D 118 -25.95 -8.56 -10.64
N VAL D 119 -26.16 -7.24 -10.79
CA VAL D 119 -26.17 -6.35 -9.62
C VAL D 119 -27.31 -6.73 -8.67
N THR D 120 -28.49 -7.07 -9.21
CA THR D 120 -29.61 -7.41 -8.34
C THR D 120 -29.33 -8.70 -7.58
N CYS D 121 -28.81 -9.73 -8.26
CA CYS D 121 -28.47 -10.99 -7.60
C CYS D 121 -27.37 -10.79 -6.57
N LYS D 122 -26.31 -10.06 -6.95
CA LYS D 122 -25.27 -9.69 -6.00
C LYS D 122 -25.86 -8.94 -4.82
N THR D 123 -26.93 -8.17 -5.04
CA THR D 123 -27.54 -7.40 -3.96
C THR D 123 -28.30 -8.31 -3.00
N VAL D 124 -29.09 -9.24 -3.52
CA VAL D 124 -29.69 -10.24 -2.65
C VAL D 124 -28.62 -11.09 -1.98
N ALA D 125 -27.60 -11.51 -2.73
CA ALA D 125 -26.48 -12.24 -2.13
C ALA D 125 -25.85 -11.44 -1.00
N ASN D 126 -25.71 -10.13 -1.17
CA ASN D 126 -25.20 -9.28 -0.09
C ASN D 126 -26.13 -9.25 1.12
N MET D 127 -27.42 -9.44 0.92
CA MET D 127 -28.31 -9.50 2.08
C MET D 127 -28.11 -10.78 2.87
N ILE D 128 -27.56 -11.82 2.27
CA ILE D 128 -27.33 -13.07 3.00
C ILE D 128 -25.99 -13.06 3.71
N LYS D 129 -24.98 -12.45 3.09
CA LYS D 129 -23.63 -12.45 3.65
C LYS D 129 -23.58 -11.69 4.97
N GLY D 130 -22.65 -12.09 5.83
CA GLY D 130 -22.39 -11.37 7.07
C GLY D 130 -23.45 -11.55 8.15
N LYS D 131 -24.14 -12.69 8.16
CA LYS D 131 -25.22 -12.93 9.11
C LYS D 131 -25.27 -14.39 9.52
N THR D 132 -25.94 -14.62 10.64
CA THR D 132 -26.11 -15.92 11.25
C THR D 132 -27.31 -16.60 10.60
N PRO D 133 -27.49 -17.92 10.69
CA PRO D 133 -28.71 -18.50 10.07
C PRO D 133 -30.01 -17.88 10.55
N GLU D 134 -30.16 -17.56 11.84
CA GLU D 134 -31.43 -16.96 12.23
C GLU D 134 -31.49 -15.50 11.79
N GLU D 135 -30.34 -14.82 11.70
CA GLU D 135 -30.34 -13.51 11.06
C GLU D 135 -30.75 -13.61 9.59
N ILE D 136 -30.40 -14.71 8.91
CA ILE D 136 -30.88 -14.94 7.55
C ILE D 136 -32.40 -15.07 7.54
N ARG D 137 -32.92 -16.07 8.27
CA ARG D 137 -34.37 -16.35 8.30
C ARG D 137 -35.18 -15.17 8.78
N LYS D 138 -34.56 -14.24 9.52
CA LYS D 138 -35.27 -13.04 9.91
C LYS D 138 -35.36 -12.03 8.77
N THR D 139 -34.22 -11.83 8.06
CA THR D 139 -34.20 -10.94 6.90
C THR D 139 -35.24 -11.35 5.85
N PHE D 140 -35.35 -12.64 5.54
CA PHE D 140 -36.21 -13.15 4.46
C PHE D 140 -37.48 -13.83 4.96
N ASN D 141 -37.73 -13.81 6.28
CA ASN D 141 -38.87 -14.47 6.91
C ASN D 141 -39.08 -15.88 6.36
N ILE D 142 -38.00 -16.67 6.41
CA ILE D 142 -38.06 -18.10 6.14
C ILE D 142 -38.32 -18.79 7.45
N LYS D 143 -39.29 -19.71 7.44
CA LYS D 143 -39.57 -20.53 8.62
C LYS D 143 -38.51 -21.61 8.74
N ASN D 144 -37.93 -21.72 9.94
CA ASN D 144 -37.00 -22.80 10.26
C ASN D 144 -37.78 -24.09 10.47
N ASP D 145 -37.73 -25.00 9.50
CA ASP D 145 -38.44 -26.27 9.60
C ASP D 145 -37.52 -27.44 9.94
N PHE D 146 -36.50 -27.19 10.76
CA PHE D 146 -35.55 -28.19 11.22
C PHE D 146 -35.80 -28.43 12.70
N THR D 147 -35.85 -29.70 13.11
CA THR D 147 -35.82 -29.90 14.55
C THR D 147 -34.49 -29.44 15.14
N GLU D 148 -34.41 -29.42 16.47
CA GLU D 148 -33.09 -29.17 17.07
C GLU D 148 -32.10 -30.28 16.74
N GLU D 149 -32.61 -31.51 16.61
CA GLU D 149 -31.81 -32.64 16.16
C GLU D 149 -31.16 -32.33 14.81
N GLU D 150 -31.98 -31.96 13.80
CA GLU D 150 -31.48 -31.64 12.47
C GLU D 150 -30.64 -30.36 12.46
N GLU D 151 -31.11 -29.31 13.13
CA GLU D 151 -30.34 -28.06 13.19
C GLU D 151 -28.95 -28.28 13.78
N ALA D 152 -28.87 -29.09 14.84
CA ALA D 152 -27.59 -29.45 15.41
C ALA D 152 -26.75 -30.26 14.40
N GLN D 153 -27.37 -31.22 13.72
CA GLN D 153 -26.67 -31.99 12.68
C GLN D 153 -26.02 -31.05 11.69
N VAL D 154 -26.85 -30.36 10.90
CA VAL D 154 -26.37 -29.53 9.79
C VAL D 154 -25.31 -28.54 10.27
N ARG D 155 -25.54 -27.99 11.45
CA ARG D 155 -24.56 -27.06 12.01
C ARG D 155 -23.53 -28.04 12.49
N LYS D 156 -23.33 -28.98 11.60
CA LYS D 156 -22.46 -30.09 11.80
C LYS D 156 -21.51 -30.11 10.66
N GLU D 157 -22.00 -30.64 9.56
CA GLU D 157 -21.18 -30.78 8.36
C GLU D 157 -20.73 -29.41 7.91
N ASN D 158 -21.70 -28.69 7.41
CA ASN D 158 -21.59 -27.33 6.99
C ASN D 158 -20.97 -26.38 8.00
N GLN D 159 -20.60 -26.89 9.15
CA GLN D 159 -19.97 -26.10 10.18
C GLN D 159 -18.47 -25.97 9.96
N TRP D 160 -17.89 -27.04 9.53
CA TRP D 160 -16.46 -27.01 9.27
C TRP D 160 -16.37 -25.53 8.86
N CYS D 161 -15.69 -24.74 9.65
CA CYS D 161 -15.25 -23.34 9.42
C CYS D 161 -15.67 -22.46 10.63
ZN ZN E . 6.67 17.08 19.98
#